data_9MK2
#
_entry.id   9MK2
#
_cell.length_a   97.350
_cell.length_b   118.700
_cell.length_c   127.510
_cell.angle_alpha   90.00
_cell.angle_beta   90.00
_cell.angle_gamma   90.00
#
_symmetry.space_group_name_H-M   'P 2 21 21'
#
loop_
_entity.id
_entity.type
_entity.pdbx_description
1 polymer 'ATP-dependent Clp protease proteolytic subunit'
2 non-polymer 2-methyl-N-(2-{[2-(trifluoromethyl)phenyl]sulfanyl}ethyl)-2-[5-(trifluoromethyl)pyridine-2-sulfonyl]propanamide
3 water water
#
_entity_poly.entity_id   1
_entity_poly.type   'polypeptide(L)'
_entity_poly.pdbx_seq_one_letter_code
;HHHHHHENLYFQSNMSFDNYLVPTVIEQSGRGERAFDIYSRLLKERIVFLVGPVTDESANLVVAQLLFLESENPDKDIFF
YINSPGGSVTAGMSIYDTMNFIKPDVSTLCLGQAASMGAFLLSAGEKGKRFALPNSRIMIHQPLISGGLGGQASDIEIHA
RELLKIKEKLNRLMAKHCDRDLADLERDTDRDNFMSAEEAKEYGLIDQILENRASLRL
;
_entity_poly.pdbx_strand_id   A,B,C,D,E,F,G
#
# COMPACT_ATOMS: atom_id res chain seq x y z
N PHE A 36 17.81 -1.44 -6.45
CA PHE A 36 18.51 -1.15 -7.69
C PHE A 36 17.68 -1.57 -8.89
N ASP A 37 16.52 -0.93 -9.03
CA ASP A 37 15.55 -1.25 -10.05
C ASP A 37 16.08 -0.95 -11.46
N ILE A 38 15.29 -1.36 -12.44
CA ILE A 38 15.63 -1.20 -13.85
C ILE A 38 15.81 0.28 -14.20
N TYR A 39 15.00 1.15 -13.59
CA TYR A 39 15.04 2.56 -13.97
C TYR A 39 16.25 3.26 -13.38
N SER A 40 16.64 2.88 -12.17
CA SER A 40 17.90 3.41 -11.66
C SER A 40 19.07 2.89 -12.48
N ARG A 41 18.98 1.67 -12.97
CA ARG A 41 20.03 1.11 -13.81
C ARG A 41 20.19 1.90 -15.10
N LEU A 42 19.07 2.25 -15.76
CA LEU A 42 19.15 3.06 -16.97
C LEU A 42 19.52 4.50 -16.67
N LEU A 43 19.24 4.98 -15.45
CA LEU A 43 19.72 6.29 -15.05
C LEU A 43 21.25 6.38 -15.16
N LYS A 44 21.94 5.25 -14.95
CA LYS A 44 23.40 5.22 -15.15
C LYS A 44 23.75 5.55 -16.59
N GLU A 45 22.95 5.07 -17.54
CA GLU A 45 23.10 5.40 -18.94
C GLU A 45 22.68 6.82 -19.26
N ARG A 46 22.31 7.63 -18.26
CA ARG A 46 21.82 8.99 -18.48
C ARG A 46 20.50 9.00 -19.27
N ILE A 47 19.69 7.95 -19.13
CA ILE A 47 18.33 7.92 -19.64
C ILE A 47 17.37 8.30 -18.51
N VAL A 48 16.49 9.24 -18.79
CA VAL A 48 15.42 9.68 -17.89
C VAL A 48 14.09 9.50 -18.63
N PHE A 49 13.11 8.88 -17.98
CA PHE A 49 11.82 8.67 -18.63
C PHE A 49 10.80 9.65 -18.06
N LEU A 50 9.88 10.09 -18.92
CA LEU A 50 8.61 10.66 -18.49
C LEU A 50 7.54 9.77 -19.07
N VAL A 51 6.80 9.07 -18.21
CA VAL A 51 5.78 8.13 -18.64
C VAL A 51 4.47 8.54 -18.02
N GLY A 52 3.46 8.73 -18.87
CA GLY A 52 2.14 9.07 -18.38
C GLY A 52 2.00 10.54 -18.12
N PRO A 53 0.92 10.93 -17.47
CA PRO A 53 0.56 12.34 -17.36
C PRO A 53 1.59 13.18 -16.63
N VAL A 54 1.72 14.43 -17.08
CA VAL A 54 2.59 15.43 -16.48
C VAL A 54 1.85 16.05 -15.30
N THR A 55 2.31 15.74 -14.09
CA THR A 55 1.79 16.33 -12.87
C THR A 55 2.94 17.02 -12.14
N ASP A 56 2.60 17.80 -11.11
CA ASP A 56 3.65 18.40 -10.30
C ASP A 56 4.60 17.33 -9.80
N GLU A 57 4.06 16.20 -9.39
CA GLU A 57 4.88 15.16 -8.79
C GLU A 57 5.72 14.42 -9.83
N SER A 58 5.11 14.02 -10.95
CA SER A 58 5.89 13.32 -11.99
C SER A 58 6.89 14.27 -12.65
N ALA A 59 6.51 15.54 -12.81
CA ALA A 59 7.45 16.50 -13.38
C ALA A 59 8.63 16.73 -12.45
N ASN A 60 8.37 16.86 -11.14
CA ASN A 60 9.50 17.14 -10.28
C ASN A 60 10.41 15.92 -10.16
N LEU A 61 9.86 14.71 -10.31
CA LEU A 61 10.69 13.52 -10.38
C LEU A 61 11.62 13.58 -11.58
N VAL A 62 11.13 14.10 -12.72
CA VAL A 62 11.99 14.29 -13.87
C VAL A 62 13.03 15.37 -13.58
N VAL A 63 12.61 16.49 -13.01
CA VAL A 63 13.53 17.59 -12.69
C VAL A 63 14.66 17.09 -11.80
N ALA A 64 14.31 16.33 -10.76
CA ALA A 64 15.31 15.83 -9.84
C ALA A 64 16.33 14.95 -10.56
N GLN A 65 15.88 14.12 -11.51
CA GLN A 65 16.82 13.27 -12.25
C GLN A 65 17.72 14.11 -13.16
N LEU A 66 17.17 15.13 -13.82
CA LEU A 66 17.99 16.03 -14.61
C LEU A 66 19.05 16.71 -13.78
N LEU A 67 18.70 17.18 -12.57
CA LEU A 67 19.69 17.81 -11.73
C LEU A 67 20.70 16.80 -11.23
N PHE A 68 20.26 15.57 -10.91
CA PHE A 68 21.19 14.53 -10.50
C PHE A 68 22.20 14.23 -11.61
N LEU A 69 21.73 14.13 -12.84
CA LEU A 69 22.61 13.79 -13.96
C LEU A 69 23.59 14.93 -14.26
N GLU A 70 23.13 16.18 -14.14
CA GLU A 70 24.03 17.32 -14.31
C GLU A 70 25.13 17.33 -13.25
N SER A 71 24.73 17.05 -12.00
CA SER A 71 25.68 16.95 -10.90
C SER A 71 26.73 15.87 -11.17
N GLU A 72 26.29 14.69 -11.61
CA GLU A 72 27.20 13.60 -11.85
C GLU A 72 28.14 13.91 -13.02
N ASN A 73 27.60 14.52 -14.08
CA ASN A 73 28.40 14.85 -15.25
C ASN A 73 27.73 16.00 -15.97
N PRO A 74 28.16 17.24 -15.75
CA PRO A 74 27.58 18.39 -16.46
C PRO A 74 27.94 18.45 -17.93
N ASP A 75 28.87 17.62 -18.38
CA ASP A 75 29.45 17.77 -19.71
C ASP A 75 29.07 16.64 -20.65
N LYS A 76 28.10 15.81 -20.29
CA LYS A 76 27.60 14.75 -21.15
C LYS A 76 26.09 14.88 -21.34
N ASP A 77 25.66 14.52 -22.54
CA ASP A 77 24.25 14.58 -22.92
C ASP A 77 23.38 13.74 -22.00
N ILE A 78 22.13 14.18 -21.87
CA ILE A 78 21.08 13.41 -21.21
C ILE A 78 20.07 12.99 -22.26
N PHE A 79 19.53 11.79 -22.11
CA PHE A 79 18.54 11.24 -23.03
C PHE A 79 17.19 11.17 -22.32
N PHE A 80 16.28 12.04 -22.75
CA PHE A 80 14.99 12.24 -22.11
C PHE A 80 13.93 11.57 -22.99
N TYR A 81 13.50 10.38 -22.57
CA TYR A 81 12.54 9.56 -23.30
C TYR A 81 11.13 9.91 -22.82
N ILE A 82 10.27 10.32 -23.75
CA ILE A 82 8.95 10.85 -23.42
C ILE A 82 7.91 9.94 -24.03
N ASN A 83 7.03 9.38 -23.17
CA ASN A 83 5.80 8.71 -23.59
C ASN A 83 4.71 9.26 -22.68
N SER A 84 3.99 10.29 -23.15
CA SER A 84 3.08 11.04 -22.27
C SER A 84 1.89 11.62 -23.04
N PRO A 85 0.69 11.55 -22.46
CA PRO A 85 -0.47 12.28 -23.03
C PRO A 85 -0.53 13.76 -22.69
N GLY A 86 0.39 14.30 -21.91
CA GLY A 86 0.30 15.68 -21.48
C GLY A 86 -0.07 15.77 -20.01
N GLY A 87 -0.67 16.91 -19.64
CA GLY A 87 -0.99 17.20 -18.25
C GLY A 87 -0.73 18.67 -17.94
N SER A 88 -0.30 19.02 -16.73
CA SER A 88 -0.26 20.41 -16.27
C SER A 88 0.75 21.28 -17.03
N VAL A 89 0.32 22.47 -17.47
CA VAL A 89 1.24 23.42 -18.12
C VAL A 89 2.39 23.81 -17.19
N THR A 90 2.06 24.28 -15.98
CA THR A 90 3.11 24.77 -15.07
C THR A 90 4.06 23.66 -14.64
N ALA A 91 3.55 22.44 -14.47
CA ALA A 91 4.45 21.32 -14.18
C ALA A 91 5.34 21.04 -15.39
N GLY A 92 4.79 21.11 -16.61
CA GLY A 92 5.64 20.98 -17.78
C GLY A 92 6.67 22.09 -17.88
N MET A 93 6.30 23.31 -17.47
CA MET A 93 7.25 24.41 -17.51
C MET A 93 8.41 24.20 -16.55
N SER A 94 8.18 23.51 -15.42
CA SER A 94 9.29 23.24 -14.51
C SER A 94 10.33 22.35 -15.17
N ILE A 95 9.88 21.36 -15.96
CA ILE A 95 10.81 20.51 -16.71
C ILE A 95 11.49 21.30 -17.82
N TYR A 96 10.69 22.06 -18.57
CA TYR A 96 11.19 22.87 -19.67
C TYR A 96 12.34 23.75 -19.23
N ASP A 97 12.14 24.56 -18.18
CA ASP A 97 13.17 25.50 -17.75
C ASP A 97 14.36 24.81 -17.14
N THR A 98 14.17 23.65 -16.50
CA THR A 98 15.32 22.88 -16.04
C THR A 98 16.14 22.34 -17.22
N MET A 99 15.47 21.82 -18.26
CA MET A 99 16.17 21.39 -19.47
C MET A 99 17.09 22.48 -20.00
N ASN A 100 16.60 23.70 -20.09
CA ASN A 100 17.39 24.80 -20.62
C ASN A 100 18.39 25.32 -19.61
N PHE A 101 18.13 25.13 -18.31
CA PHE A 101 19.04 25.68 -17.31
C PHE A 101 20.31 24.84 -17.18
N ILE A 102 20.19 23.50 -17.18
CA ILE A 102 21.34 22.67 -16.81
C ILE A 102 22.36 22.67 -17.94
N LYS A 103 23.60 22.39 -17.58
CA LYS A 103 24.66 22.43 -18.59
C LYS A 103 24.47 21.36 -19.66
N PRO A 104 24.20 20.08 -19.33
CA PRO A 104 24.06 19.06 -20.39
C PRO A 104 23.00 19.36 -21.44
N ASP A 105 23.32 19.05 -22.70
CA ASP A 105 22.29 18.93 -23.72
C ASP A 105 21.29 17.86 -23.32
N VAL A 106 20.01 18.20 -23.36
CA VAL A 106 18.96 17.22 -23.12
C VAL A 106 18.43 16.79 -24.49
N SER A 107 18.93 15.66 -24.98
CA SER A 107 18.34 15.01 -26.14
C SER A 107 16.97 14.44 -25.77
N THR A 108 16.01 14.54 -26.66
CA THR A 108 14.69 13.98 -26.40
C THR A 108 14.37 12.88 -27.40
N LEU A 109 13.53 11.92 -26.96
CA LEU A 109 13.10 10.82 -27.81
C LEU A 109 11.64 10.55 -27.54
N CYS A 110 10.82 10.57 -28.57
CA CYS A 110 9.41 10.22 -28.43
C CYS A 110 9.27 8.73 -28.66
N LEU A 111 8.76 8.01 -27.67
CA LEU A 111 8.35 6.63 -27.87
C LEU A 111 6.91 6.46 -27.43
N GLY A 112 6.10 5.77 -28.23
CA GLY A 112 4.67 5.70 -28.00
C GLY A 112 4.01 6.97 -28.48
N GLN A 113 3.97 7.98 -27.62
CA GLN A 113 3.41 9.26 -28.05
C GLN A 113 3.97 10.38 -27.19
N ALA A 114 3.94 11.58 -27.76
CA ALA A 114 4.15 12.82 -27.02
C ALA A 114 3.00 13.73 -27.41
N ALA A 115 2.06 13.92 -26.49
CA ALA A 115 0.90 14.74 -26.79
C ALA A 115 0.84 15.87 -25.78
N SER A 116 0.42 17.04 -26.25
CA SER A 116 0.15 18.19 -25.39
C SER A 116 1.47 18.58 -24.72
N MET A 117 1.54 18.78 -23.40
CA MET A 117 2.83 19.14 -22.80
C MET A 117 3.93 18.12 -23.09
N GLY A 118 3.58 16.87 -23.38
CA GLY A 118 4.59 15.92 -23.82
C GLY A 118 5.25 16.30 -25.14
N ALA A 119 4.45 16.76 -26.11
CA ALA A 119 5.02 17.27 -27.36
C ALA A 119 5.81 18.55 -27.13
N PHE A 120 5.32 19.41 -26.23
CA PHE A 120 6.06 20.63 -25.92
C PHE A 120 7.45 20.29 -25.40
N LEU A 121 7.54 19.36 -24.46
CA LEU A 121 8.84 18.96 -23.94
C LEU A 121 9.70 18.29 -25.01
N LEU A 122 9.09 17.41 -25.82
CA LEU A 122 9.85 16.79 -26.90
C LEU A 122 10.47 17.85 -27.81
N SER A 123 9.68 18.87 -28.16
CA SER A 123 10.13 19.91 -29.09
C SER A 123 11.19 20.81 -28.47
N ALA A 124 11.34 20.75 -27.15
CA ALA A 124 12.28 21.58 -26.41
C ALA A 124 13.65 20.93 -26.24
N GLY A 125 13.83 19.66 -26.64
CA GLY A 125 15.15 19.05 -26.61
C GLY A 125 16.19 19.89 -27.34
N GLU A 126 17.46 19.73 -26.99
CA GLU A 126 18.55 20.43 -27.69
C GLU A 126 18.42 20.28 -29.22
N LYS A 127 18.47 21.41 -29.92
CA LYS A 127 18.23 21.37 -31.35
C LYS A 127 19.33 20.56 -32.04
N GLY A 128 18.92 19.66 -32.93
CA GLY A 128 19.76 18.66 -33.52
C GLY A 128 19.67 17.31 -32.85
N LYS A 129 19.14 17.26 -31.62
CA LYS A 129 19.09 16.06 -30.81
C LYS A 129 17.66 15.72 -30.37
N ARG A 130 16.67 16.09 -31.14
CA ARG A 130 15.28 15.72 -30.87
C ARG A 130 14.89 14.61 -31.82
N PHE A 131 14.39 13.50 -31.27
CA PHE A 131 14.21 12.28 -32.04
C PHE A 131 12.82 11.70 -31.78
N ALA A 132 12.34 10.90 -32.74
CA ALA A 132 11.19 10.04 -32.50
C ALA A 132 11.42 8.67 -33.12
N LEU A 133 10.83 7.66 -32.49
CA LEU A 133 10.80 6.34 -33.09
C LEU A 133 9.78 6.32 -34.24
N PRO A 134 9.91 5.38 -35.19
CA PRO A 134 9.17 5.53 -36.44
C PRO A 134 7.65 5.51 -36.29
N ASN A 135 7.09 4.79 -35.31
CA ASN A 135 5.64 4.67 -35.17
C ASN A 135 5.12 5.41 -33.96
N SER A 136 5.92 6.32 -33.41
CA SER A 136 5.44 7.20 -32.36
C SER A 136 4.55 8.27 -32.99
N ARG A 137 3.71 8.89 -32.18
CA ARG A 137 2.90 9.98 -32.71
C ARG A 137 2.95 11.17 -31.77
N ILE A 138 2.69 12.33 -32.35
CA ILE A 138 2.75 13.60 -31.65
C ILE A 138 1.40 14.26 -31.78
N MET A 139 0.97 14.95 -30.73
CA MET A 139 -0.27 15.74 -30.82
C MET A 139 -0.06 17.05 -30.09
N ILE A 140 -0.48 18.14 -30.71
CA ILE A 140 -0.35 19.47 -30.15
C ILE A 140 -1.74 20.12 -30.15
N HIS A 141 -2.00 20.96 -29.15
CA HIS A 141 -3.26 21.68 -29.08
C HIS A 141 -3.15 22.84 -28.09
N GLN A 142 -4.13 23.76 -28.17
CA GLN A 142 -4.16 24.90 -27.24
C GLN A 142 -4.53 24.43 -25.83
N PRO A 143 -4.30 25.26 -24.82
CA PRO A 143 -4.67 24.87 -23.45
C PRO A 143 -6.14 24.49 -23.35
N LEU A 144 -6.41 23.56 -22.43
CA LEU A 144 -7.72 22.97 -22.17
C LEU A 144 -7.83 22.86 -20.66
N ILE A 145 -8.98 23.26 -20.11
CA ILE A 145 -9.21 23.27 -18.67
C ILE A 145 -10.39 22.35 -18.37
N SER A 146 -10.22 21.49 -17.37
CA SER A 146 -11.24 20.55 -16.85
C SER A 146 -12.61 20.57 -17.53
N GLY A 150 -15.35 28.56 -11.90
CA GLY A 150 -16.16 28.99 -10.77
C GLY A 150 -15.69 30.28 -10.14
N GLY A 151 -16.61 31.04 -9.56
CA GLY A 151 -16.28 32.31 -8.94
C GLY A 151 -17.09 33.46 -9.51
N GLN A 152 -16.77 34.65 -9.05
CA GLN A 152 -17.39 35.85 -9.56
C GLN A 152 -16.84 36.17 -10.95
N ALA A 153 -17.60 36.95 -11.71
CA ALA A 153 -17.18 37.36 -13.04
C ALA A 153 -15.80 38.02 -13.02
N SER A 154 -15.53 38.82 -11.98
CA SER A 154 -14.18 39.38 -11.81
C SER A 154 -13.10 38.30 -11.79
N ASP A 155 -13.35 37.19 -11.09
CA ASP A 155 -12.35 36.13 -10.97
C ASP A 155 -12.24 35.29 -12.25
N ILE A 156 -13.38 35.06 -12.91
CA ILE A 156 -13.41 34.41 -14.21
C ILE A 156 -12.61 35.21 -15.21
N GLU A 157 -12.79 36.53 -15.21
CA GLU A 157 -12.02 37.38 -16.12
C GLU A 157 -10.52 37.18 -15.91
N ILE A 158 -10.07 37.25 -14.66
CA ILE A 158 -8.66 37.11 -14.35
C ILE A 158 -8.13 35.77 -14.81
N HIS A 159 -8.91 34.70 -14.58
CA HIS A 159 -8.42 33.38 -14.93
C HIS A 159 -8.51 33.11 -16.43
N ALA A 160 -9.52 33.65 -17.10
CA ALA A 160 -9.55 33.56 -18.56
C ALA A 160 -8.35 34.27 -19.17
N ARG A 161 -7.98 35.44 -18.64
CA ARG A 161 -6.88 36.19 -19.22
C ARG A 161 -5.54 35.49 -18.98
N GLU A 162 -5.30 34.99 -17.75
CA GLU A 162 -4.11 34.17 -17.51
C GLU A 162 -4.04 32.97 -18.46
N LEU A 163 -5.17 32.29 -18.68
CA LEU A 163 -5.19 31.15 -19.58
C LEU A 163 -4.82 31.58 -21.00
N LEU A 164 -5.31 32.75 -21.43
CA LEU A 164 -4.96 33.25 -22.77
C LEU A 164 -3.48 33.63 -22.87
N LYS A 165 -2.91 34.18 -21.80
CA LYS A 165 -1.48 34.43 -21.77
C LYS A 165 -0.69 33.13 -21.90
N ILE A 166 -1.12 32.08 -21.19
CA ILE A 166 -0.48 30.78 -21.31
C ILE A 166 -0.57 30.27 -22.75
N LYS A 167 -1.76 30.32 -23.34
CA LYS A 167 -1.95 29.92 -24.73
C LYS A 167 -0.99 30.64 -25.67
N GLU A 168 -0.93 31.97 -25.57
CA GLU A 168 0.00 32.75 -26.39
C GLU A 168 1.44 32.35 -26.13
N LYS A 169 1.81 32.18 -24.86
CA LYS A 169 3.20 31.85 -24.51
C LYS A 169 3.62 30.53 -25.11
N LEU A 170 2.75 29.51 -24.98
CA LEU A 170 3.04 28.20 -25.55
C LEU A 170 3.15 28.25 -27.06
N ASN A 171 2.28 29.02 -27.71
CA ASN A 171 2.36 29.15 -29.16
C ASN A 171 3.69 29.81 -29.57
N ARG A 172 4.10 30.86 -28.81
CA ARG A 172 5.34 31.56 -29.11
C ARG A 172 6.55 30.68 -28.89
N LEU A 173 6.57 29.95 -27.78
CA LEU A 173 7.67 29.04 -27.52
C LEU A 173 7.72 27.90 -28.54
N MET A 174 6.57 27.33 -28.87
CA MET A 174 6.54 26.24 -29.85
C MET A 174 6.96 26.72 -31.23
N ALA A 175 6.56 27.93 -31.62
CA ALA A 175 7.05 28.48 -32.87
C ALA A 175 8.57 28.58 -32.87
N LYS A 176 9.14 29.01 -31.75
CA LYS A 176 10.60 29.05 -31.63
C LYS A 176 11.21 27.64 -31.77
N HIS A 177 10.57 26.63 -31.17
CA HIS A 177 11.12 25.28 -31.23
C HIS A 177 11.11 24.73 -32.65
N CYS A 178 10.02 24.98 -33.38
CA CYS A 178 9.77 24.39 -34.68
C CYS A 178 10.30 25.21 -35.84
N ASP A 179 10.90 26.36 -35.57
CA ASP A 179 11.30 27.32 -36.60
C ASP A 179 10.14 27.67 -37.53
N ARG A 180 9.00 28.04 -36.92
CA ARG A 180 7.82 28.47 -37.65
C ARG A 180 7.34 29.81 -37.15
N ASP A 181 6.54 30.46 -37.99
CA ASP A 181 5.89 31.69 -37.55
C ASP A 181 4.89 31.37 -36.44
N LEU A 182 4.73 32.32 -35.54
CA LEU A 182 3.70 32.22 -34.52
C LEU A 182 2.34 31.94 -35.14
N ALA A 183 2.05 32.57 -36.29
CA ALA A 183 0.74 32.42 -36.92
C ALA A 183 0.46 30.97 -37.27
N ASP A 184 1.48 30.24 -37.73
CA ASP A 184 1.33 28.81 -38.02
C ASP A 184 0.89 28.06 -36.78
N LEU A 185 1.60 28.25 -35.66
CA LEU A 185 1.26 27.53 -34.44
C LEU A 185 -0.13 27.89 -33.94
N GLU A 186 -0.48 29.18 -33.96
CA GLU A 186 -1.81 29.61 -33.52
C GLU A 186 -2.90 28.89 -34.29
N ARG A 187 -2.73 28.80 -35.62
CA ARG A 187 -3.73 28.09 -36.41
C ARG A 187 -3.67 26.59 -36.16
N ASP A 188 -2.46 26.03 -36.05
CA ASP A 188 -2.34 24.58 -36.04
C ASP A 188 -2.66 23.97 -34.68
N THR A 189 -2.83 24.76 -33.62
CA THR A 189 -3.19 24.21 -32.31
C THR A 189 -4.61 24.55 -31.91
N ASP A 190 -5.40 25.19 -32.78
CA ASP A 190 -6.78 25.51 -32.44
C ASP A 190 -7.56 24.28 -31.96
N ARG A 191 -7.35 23.13 -32.61
CA ARG A 191 -7.93 21.86 -32.19
C ARG A 191 -6.87 20.77 -32.22
N ASP A 192 -7.19 19.60 -31.68
CA ASP A 192 -6.20 18.52 -31.57
C ASP A 192 -5.57 18.26 -32.94
N ASN A 193 -4.24 18.20 -32.98
CA ASN A 193 -3.49 18.10 -34.24
C ASN A 193 -2.54 16.91 -34.08
N PHE A 194 -2.93 15.77 -34.62
CA PHE A 194 -2.13 14.57 -34.54
C PHE A 194 -1.15 14.51 -35.70
N MET A 195 0.09 14.10 -35.41
CA MET A 195 1.16 13.99 -36.40
C MET A 195 1.90 12.68 -36.25
N SER A 196 2.18 12.03 -37.38
CA SER A 196 3.14 10.95 -37.40
C SER A 196 4.55 11.48 -37.11
N ALA A 197 5.47 10.54 -36.88
CA ALA A 197 6.87 10.92 -36.65
C ALA A 197 7.41 11.74 -37.84
N GLU A 198 7.17 11.28 -39.08
CA GLU A 198 7.59 12.03 -40.26
C GLU A 198 6.98 13.42 -40.28
N GLU A 199 5.69 13.52 -39.97
CA GLU A 199 5.01 14.80 -40.05
C GLU A 199 5.56 15.75 -39.00
N ALA A 200 5.87 15.23 -37.82
CA ALA A 200 6.43 16.08 -36.77
C ALA A 200 7.83 16.56 -37.15
N LYS A 201 8.60 15.70 -37.82
CA LYS A 201 9.91 16.12 -38.35
C LYS A 201 9.74 17.24 -39.36
N GLU A 202 8.86 17.04 -40.34
CA GLU A 202 8.62 18.07 -41.34
C GLU A 202 8.07 19.34 -40.73
N TYR A 203 7.30 19.21 -39.65
CA TYR A 203 6.78 20.39 -38.97
C TYR A 203 7.88 21.18 -38.29
N GLY A 204 8.96 20.52 -37.88
CA GLY A 204 10.00 21.17 -37.11
C GLY A 204 10.02 20.81 -35.65
N LEU A 205 9.20 19.86 -35.21
CA LEU A 205 9.09 19.50 -33.80
C LEU A 205 10.22 18.62 -33.33
N ILE A 206 10.75 17.79 -34.23
CA ILE A 206 11.89 16.96 -33.94
C ILE A 206 12.87 17.08 -35.09
N ASP A 207 14.02 16.46 -34.94
CA ASP A 207 15.12 16.58 -35.90
C ASP A 207 15.31 15.34 -36.77
N GLN A 208 15.23 14.15 -36.20
CA GLN A 208 15.41 12.92 -36.96
C GLN A 208 14.49 11.83 -36.44
N ILE A 209 14.08 10.95 -37.37
CA ILE A 209 13.46 9.68 -37.03
C ILE A 209 14.53 8.61 -36.95
N LEU A 210 14.58 7.87 -35.83
CA LEU A 210 15.56 6.82 -35.63
C LEU A 210 14.86 5.47 -35.71
N GLU A 211 15.20 4.68 -36.73
CA GLU A 211 14.66 3.34 -36.86
C GLU A 211 15.54 2.35 -36.10
N ASN A 212 16.84 2.53 -36.22
CA ASN A 212 17.82 1.90 -35.35
C ASN A 212 19.00 2.85 -35.23
N ARG A 213 20.09 2.37 -34.64
CA ARG A 213 21.23 3.26 -34.40
C ARG A 213 21.85 3.75 -35.70
N ALA A 214 21.90 2.87 -36.71
CA ALA A 214 22.48 3.22 -38.01
C ALA A 214 21.77 4.40 -38.66
N SER A 215 20.52 4.70 -38.28
CA SER A 215 19.83 5.89 -38.76
C SER A 215 20.63 7.15 -38.43
N VAL B 22 10.45 5.95 -7.17
CA VAL B 22 11.56 6.87 -6.89
C VAL B 22 12.90 6.18 -7.16
N PRO B 23 13.68 6.72 -8.09
CA PRO B 23 14.98 6.10 -8.39
C PRO B 23 15.89 6.06 -7.17
N THR B 24 16.70 5.02 -7.08
CA THR B 24 17.76 4.88 -6.10
C THR B 24 19.09 5.10 -6.80
N VAL B 25 20.11 5.48 -6.03
CA VAL B 25 21.47 5.56 -6.56
C VAL B 25 22.46 5.14 -5.49
N ILE B 26 23.52 4.47 -5.92
CA ILE B 26 24.56 3.98 -5.03
C ILE B 26 25.71 4.98 -5.01
N PHE B 36 20.66 5.35 -1.67
CA PHE B 36 19.52 6.15 -1.23
C PHE B 36 18.68 6.71 -2.39
N ASP B 37 17.53 7.29 -2.09
CA ASP B 37 16.62 7.76 -3.13
C ASP B 37 17.15 9.02 -3.79
N ILE B 38 16.47 9.43 -4.88
CA ILE B 38 16.92 10.56 -5.70
C ILE B 38 16.91 11.87 -4.90
N TYR B 39 15.89 12.05 -4.05
CA TYR B 39 15.78 13.29 -3.31
C TYR B 39 16.83 13.37 -2.21
N SER B 40 17.11 12.25 -1.54
CA SER B 40 18.18 12.29 -0.55
C SER B 40 19.53 12.49 -1.22
N ARG B 41 19.70 11.98 -2.43
CA ARG B 41 20.91 12.28 -3.19
C ARG B 41 21.04 13.77 -3.44
N LEU B 42 19.94 14.46 -3.73
CA LEU B 42 20.04 15.90 -4.02
C LEU B 42 20.22 16.74 -2.77
N LEU B 43 19.81 16.24 -1.60
CA LEU B 43 20.17 16.89 -0.33
C LEU B 43 21.68 17.02 -0.16
N LYS B 44 22.45 16.15 -0.81
CA LYS B 44 23.90 16.31 -0.80
C LYS B 44 24.33 17.60 -1.51
N GLU B 45 23.56 18.04 -2.50
CA GLU B 45 23.71 19.38 -3.07
C GLU B 45 23.05 20.47 -2.22
N ARG B 46 22.51 20.11 -1.05
CA ARG B 46 21.74 21.04 -0.22
C ARG B 46 20.52 21.60 -0.96
N ILE B 47 19.88 20.76 -1.75
CA ILE B 47 18.63 21.12 -2.44
C ILE B 47 17.45 20.52 -1.69
N VAL B 48 16.46 21.36 -1.37
CA VAL B 48 15.19 20.94 -0.78
C VAL B 48 14.09 21.35 -1.73
N PHE B 49 13.13 20.46 -1.98
CA PHE B 49 12.01 20.75 -2.86
C PHE B 49 10.75 20.95 -2.02
N LEU B 50 9.92 21.89 -2.45
CA LEU B 50 8.50 21.95 -2.08
C LEU B 50 7.70 21.74 -3.35
N VAL B 51 6.91 20.65 -3.42
CA VAL B 51 6.16 20.31 -4.62
C VAL B 51 4.71 20.07 -4.26
N GLY B 52 3.80 20.77 -4.95
CA GLY B 52 2.40 20.56 -4.71
C GLY B 52 1.92 21.30 -3.48
N PRO B 53 0.71 20.97 -3.02
CA PRO B 53 0.05 21.75 -1.97
C PRO B 53 0.81 21.74 -0.65
N VAL B 54 0.74 22.87 0.05
CA VAL B 54 1.38 23.00 1.35
C VAL B 54 0.43 22.43 2.41
N THR B 55 0.80 21.30 2.99
CA THR B 55 0.04 20.71 4.09
C THR B 55 0.94 20.66 5.31
N ASP B 56 0.37 20.36 6.48
CA ASP B 56 1.23 20.16 7.66
C ASP B 56 2.31 19.15 7.37
N GLU B 57 1.93 18.05 6.71
CA GLU B 57 2.86 16.95 6.50
C GLU B 57 3.93 17.31 5.48
N SER B 58 3.55 17.89 4.35
CA SER B 58 4.54 18.28 3.34
C SER B 58 5.40 19.46 3.85
N ALA B 59 4.80 20.43 4.55
CA ALA B 59 5.58 21.51 5.14
C ALA B 59 6.58 20.96 6.17
N ASN B 60 6.12 20.09 7.07
CA ASN B 60 7.05 19.62 8.07
C ASN B 60 8.19 18.81 7.46
N LEU B 61 7.93 18.08 6.37
CA LEU B 61 9.04 17.42 5.66
C LEU B 61 10.08 18.43 5.19
N VAL B 62 9.63 19.59 4.69
CA VAL B 62 10.58 20.65 4.34
C VAL B 62 11.33 21.14 5.59
N VAL B 63 10.61 21.35 6.70
CA VAL B 63 11.27 21.80 7.93
C VAL B 63 12.38 20.84 8.35
N ALA B 64 12.08 19.54 8.29
CA ALA B 64 13.03 18.54 8.75
C ALA B 64 14.29 18.54 7.88
N GLN B 65 14.12 18.74 6.58
CA GLN B 65 15.27 18.82 5.68
C GLN B 65 16.08 20.09 5.93
N LEU B 66 15.40 21.20 6.19
CA LEU B 66 16.10 22.43 6.55
C LEU B 66 16.94 22.20 7.81
N LEU B 67 16.35 21.63 8.86
CA LEU B 67 17.09 21.39 10.10
C LEU B 67 18.25 20.42 9.88
N PHE B 68 18.02 19.36 9.09
CA PHE B 68 19.07 18.41 8.78
C PHE B 68 20.25 19.09 8.09
N LEU B 69 19.97 19.93 7.09
CA LEU B 69 21.05 20.56 6.34
C LEU B 69 21.82 21.56 7.21
N GLU B 70 21.13 22.26 8.11
CA GLU B 70 21.80 23.16 9.04
C GLU B 70 22.72 22.39 9.97
N SER B 71 22.28 21.21 10.41
CA SER B 71 23.10 20.36 11.26
C SER B 71 24.32 19.85 10.50
N GLU B 72 24.11 19.43 9.23
CA GLU B 72 25.22 18.97 8.39
C GLU B 72 26.28 20.04 8.23
N ASN B 73 25.86 21.28 7.98
CA ASN B 73 26.83 22.38 7.88
C ASN B 73 26.08 23.70 7.99
N PRO B 74 26.17 24.36 9.14
CA PRO B 74 25.43 25.62 9.34
C PRO B 74 25.94 26.77 8.50
N ASP B 75 27.06 26.59 7.79
CA ASP B 75 27.80 27.69 7.18
C ASP B 75 27.74 27.65 5.65
N LYS B 76 26.78 26.92 5.08
CA LYS B 76 26.59 26.82 3.63
C LYS B 76 25.14 27.10 3.28
N ASP B 77 24.93 27.75 2.14
CA ASP B 77 23.59 28.08 1.67
C ASP B 77 22.76 26.82 1.44
N ILE B 78 21.44 26.99 1.51
CA ILE B 78 20.46 25.98 1.14
C ILE B 78 19.70 26.50 -0.07
N PHE B 79 19.34 25.60 -0.98
CA PHE B 79 18.65 25.95 -2.22
C PHE B 79 17.28 25.29 -2.20
N PHE B 80 16.24 26.12 -1.97
CA PHE B 80 14.86 25.69 -1.75
C PHE B 80 14.09 25.92 -3.06
N TYR B 81 13.84 24.83 -3.78
CA TYR B 81 13.15 24.92 -5.07
C TYR B 81 11.65 24.69 -4.89
N ILE B 82 10.84 25.64 -5.37
CA ILE B 82 9.42 25.71 -5.03
C ILE B 82 8.57 25.58 -6.30
N ASN B 83 7.74 24.55 -6.35
CA ASN B 83 6.72 24.40 -7.39
C ASN B 83 5.43 24.03 -6.65
N SER B 84 4.67 25.04 -6.27
CA SER B 84 3.54 24.77 -5.38
C SER B 84 2.37 25.70 -5.72
N PRO B 85 1.16 25.21 -5.60
CA PRO B 85 -0.02 26.07 -5.79
C PRO B 85 -0.46 26.80 -4.53
N GLY B 86 0.24 26.61 -3.41
CA GLY B 86 -0.19 27.14 -2.13
C GLY B 86 -0.72 26.04 -1.24
N GLY B 87 -1.52 26.43 -0.25
CA GLY B 87 -2.00 25.47 0.75
C GLY B 87 -2.16 26.14 2.11
N SER B 88 -1.94 25.39 3.18
CA SER B 88 -2.22 25.89 4.53
C SER B 88 -1.31 27.06 4.93
N VAL B 89 -1.92 28.14 5.46
CA VAL B 89 -1.15 29.29 5.95
C VAL B 89 -0.23 28.86 7.09
N THR B 90 -0.78 28.16 8.10
CA THR B 90 0.03 27.80 9.27
C THR B 90 1.14 26.82 8.88
N ALA B 91 0.86 25.86 7.99
CA ALA B 91 1.91 24.96 7.54
C ALA B 91 3.00 25.73 6.81
N GLY B 92 2.61 26.73 6.01
CA GLY B 92 3.60 27.57 5.35
C GLY B 92 4.43 28.37 6.33
N MET B 93 3.79 28.88 7.39
CA MET B 93 4.49 29.62 8.44
C MET B 93 5.52 28.76 9.14
N SER B 94 5.27 27.46 9.26
CA SER B 94 6.27 26.59 9.86
C SER B 94 7.55 26.57 9.04
N ILE B 95 7.42 26.56 7.70
CA ILE B 95 8.59 26.66 6.82
C ILE B 95 9.21 28.05 6.93
N TYR B 96 8.37 29.09 6.79
CA TYR B 96 8.81 30.48 6.85
C TYR B 96 9.66 30.76 8.07
N ASP B 97 9.14 30.45 9.27
CA ASP B 97 9.91 30.74 10.47
C ASP B 97 11.17 29.88 10.55
N THR B 98 11.13 28.64 10.04
CA THR B 98 12.34 27.82 10.01
C THR B 98 13.40 28.41 9.08
N MET B 99 12.97 28.91 7.92
CA MET B 99 13.90 29.59 7.02
C MET B 99 14.63 30.72 7.73
N ASN B 100 13.90 31.51 8.53
CA ASN B 100 14.54 32.64 9.17
C ASN B 100 15.31 32.25 10.43
N PHE B 101 14.96 31.12 11.06
CA PHE B 101 15.60 30.69 12.29
C PHE B 101 16.99 30.10 12.04
N ILE B 102 17.11 29.23 11.03
CA ILE B 102 18.35 28.47 10.88
C ILE B 102 19.47 29.37 10.39
N LYS B 103 20.67 28.93 10.64
CA LYS B 103 21.82 29.76 10.30
C LYS B 103 22.08 29.87 8.79
N PRO B 104 21.94 28.81 7.98
CA PRO B 104 22.19 28.96 6.54
C PRO B 104 21.22 29.94 5.88
N ASP B 105 21.75 30.76 4.98
CA ASP B 105 20.90 31.47 4.03
C ASP B 105 20.07 30.46 3.23
N VAL B 106 18.79 30.78 3.04
CA VAL B 106 17.90 29.94 2.23
C VAL B 106 17.65 30.69 0.93
N SER B 107 18.36 30.28 -0.12
CA SER B 107 18.07 30.74 -1.47
C SER B 107 16.82 30.04 -1.98
N THR B 108 15.96 30.77 -2.68
CA THR B 108 14.71 30.20 -3.19
C THR B 108 14.72 30.29 -4.71
N LEU B 109 14.00 29.36 -5.32
CA LEU B 109 13.91 29.27 -6.78
C LEU B 109 12.51 28.85 -7.16
N CYS B 110 11.88 29.61 -8.02
CA CYS B 110 10.56 29.25 -8.53
C CYS B 110 10.73 28.49 -9.83
N LEU B 111 10.22 27.27 -9.87
CA LEU B 111 10.12 26.55 -11.12
C LEU B 111 8.71 26.02 -11.25
N GLY B 112 8.16 26.16 -12.46
CA GLY B 112 6.76 25.90 -12.65
C GLY B 112 5.96 27.07 -12.12
N GLN B 113 5.61 27.04 -10.84
CA GLN B 113 4.85 28.13 -10.25
C GLN B 113 5.07 28.20 -8.75
N ALA B 114 4.92 29.40 -8.21
CA ALA B 114 4.82 29.62 -6.79
C ALA B 114 3.60 30.51 -6.59
N ALA B 115 2.51 29.93 -6.10
CA ALA B 115 1.27 30.66 -5.95
C ALA B 115 0.83 30.60 -4.49
N SER B 116 0.27 31.71 -4.03
CA SER B 116 -0.34 31.71 -2.72
C SER B 116 0.78 31.51 -1.69
N MET B 117 0.68 30.55 -0.78
CA MET B 117 1.77 30.36 0.19
C MET B 117 3.08 29.98 -0.48
N GLY B 118 3.02 29.41 -1.69
CA GLY B 118 4.25 29.14 -2.42
C GLY B 118 4.98 30.41 -2.85
N ALA B 119 4.24 31.41 -3.31
CA ALA B 119 4.85 32.72 -3.60
C ALA B 119 5.36 33.37 -2.33
N PHE B 120 4.64 33.19 -1.21
CA PHE B 120 5.06 33.77 0.05
C PHE B 120 6.42 33.24 0.47
N LEU B 121 6.60 31.92 0.42
CA LEU B 121 7.89 31.32 0.78
C LEU B 121 8.97 31.72 -0.20
N LEU B 122 8.63 31.80 -1.49
CA LEU B 122 9.58 32.25 -2.49
C LEU B 122 10.11 33.63 -2.16
N SER B 123 9.20 34.56 -1.83
CA SER B 123 9.62 35.92 -1.51
C SER B 123 10.36 36.00 -0.17
N ALA B 124 10.32 34.94 0.64
CA ALA B 124 10.96 34.88 1.95
C ALA B 124 12.41 34.44 1.90
N GLY B 125 12.91 34.06 0.72
CA GLY B 125 14.30 33.67 0.61
C GLY B 125 15.23 34.82 0.95
N GLU B 126 16.45 34.45 1.34
CA GLU B 126 17.47 35.45 1.67
C GLU B 126 17.55 36.52 0.58
N LYS B 127 17.48 37.78 1.02
CA LYS B 127 17.43 38.91 0.10
C LYS B 127 18.67 38.92 -0.80
N GLY B 128 18.44 38.95 -2.11
CA GLY B 128 19.49 38.80 -3.10
C GLY B 128 19.69 37.39 -3.61
N LYS B 129 19.06 36.40 -2.98
CA LYS B 129 19.16 35.00 -3.37
C LYS B 129 17.78 34.40 -3.74
N ARG B 130 16.86 35.23 -4.19
CA ARG B 130 15.53 34.77 -4.61
C ARG B 130 15.47 34.77 -6.14
N PHE B 131 15.22 33.59 -6.72
CA PHE B 131 15.34 33.39 -8.16
C PHE B 131 14.07 32.77 -8.73
N ALA B 132 13.86 32.97 -10.03
CA ALA B 132 12.81 32.28 -10.77
C ALA B 132 13.38 31.84 -12.12
N LEU B 133 12.96 30.66 -12.58
CA LEU B 133 13.27 30.24 -13.95
C LEU B 133 12.42 31.05 -14.94
N PRO B 134 12.86 31.17 -16.20
CA PRO B 134 12.28 32.20 -17.08
C PRO B 134 10.80 32.04 -17.38
N ASN B 135 10.26 30.82 -17.42
CA ASN B 135 8.86 30.61 -17.78
C ASN B 135 8.01 30.17 -16.59
N SER B 136 8.49 30.36 -15.39
CA SER B 136 7.69 30.10 -14.20
C SER B 136 6.73 31.26 -13.99
N ARG B 137 5.75 31.06 -13.13
CA ARG B 137 4.84 32.14 -12.84
C ARG B 137 4.65 32.24 -11.33
N ILE B 138 4.22 33.41 -10.92
CA ILE B 138 3.99 33.74 -9.53
C ILE B 138 2.52 34.18 -9.43
N MET B 139 1.88 33.87 -8.31
CA MET B 139 0.54 34.40 -8.08
C MET B 139 0.37 34.71 -6.61
N ILE B 140 -0.20 35.87 -6.31
CA ILE B 140 -0.44 36.27 -4.92
C ILE B 140 -1.92 36.60 -4.76
N HIS B 141 -2.48 36.27 -3.60
CA HIS B 141 -3.87 36.62 -3.33
C HIS B 141 -4.10 36.60 -1.83
N GLN B 142 -5.24 37.15 -1.42
CA GLN B 142 -5.66 37.17 -0.04
C GLN B 142 -6.13 35.76 0.34
N PRO B 143 -6.29 35.50 1.65
CA PRO B 143 -6.74 34.17 2.06
C PRO B 143 -8.12 33.84 1.54
N LEU B 144 -8.35 32.53 1.40
CA LEU B 144 -9.50 31.90 0.78
C LEU B 144 -9.76 30.64 1.58
N ILE B 145 -11.03 30.35 1.85
CA ILE B 145 -11.39 29.12 2.57
C ILE B 145 -12.25 28.27 1.65
N GLY B 151 -20.74 27.08 12.13
CA GLY B 151 -21.51 26.96 13.34
C GLY B 151 -22.31 28.17 13.84
N GLN B 152 -22.18 28.45 15.11
CA GLN B 152 -22.90 29.53 15.69
C GLN B 152 -22.37 30.84 15.30
N ALA B 153 -23.27 31.78 15.28
CA ALA B 153 -22.89 33.15 14.99
C ALA B 153 -21.64 33.55 15.76
N SER B 154 -21.55 33.20 17.04
CA SER B 154 -20.37 33.54 17.78
C SER B 154 -19.12 32.90 17.19
N ASP B 155 -19.20 31.70 16.73
CA ASP B 155 -18.06 31.05 16.16
C ASP B 155 -17.71 31.66 14.84
N ILE B 156 -18.71 32.03 14.06
CA ILE B 156 -18.41 32.67 12.80
C ILE B 156 -17.62 33.93 13.04
N GLU B 157 -18.03 34.72 14.01
CA GLU B 157 -17.28 35.91 14.29
C GLU B 157 -15.80 35.58 14.60
N ILE B 158 -15.56 34.54 15.44
CA ILE B 158 -14.26 34.14 15.70
C ILE B 158 -13.56 33.69 14.42
N HIS B 159 -14.04 32.85 13.60
CA HIS B 159 -13.18 32.52 12.56
C HIS B 159 -12.90 33.64 11.53
N ALA B 160 -13.87 34.51 11.30
CA ALA B 160 -13.71 35.59 10.37
C ALA B 160 -12.63 36.59 10.85
N ARG B 161 -12.66 36.92 12.14
CA ARG B 161 -11.66 37.74 12.73
C ARG B 161 -10.25 37.10 12.56
N GLU B 162 -10.04 35.82 12.88
CA GLU B 162 -8.69 35.29 12.67
C GLU B 162 -8.28 35.30 11.23
N LEU B 163 -9.19 35.05 10.31
CA LEU B 163 -8.90 35.09 8.89
C LEU B 163 -8.44 36.48 8.47
N LEU B 164 -9.10 37.50 8.99
CA LEU B 164 -8.77 38.87 8.69
C LEU B 164 -7.41 39.28 9.22
N LYS B 165 -7.02 38.73 10.36
CA LYS B 165 -5.72 39.00 10.93
C LYS B 165 -4.63 38.37 10.07
N ILE B 166 -4.93 37.21 9.53
CA ILE B 166 -4.02 36.47 8.69
C ILE B 166 -3.79 37.28 7.41
N LYS B 167 -4.90 37.67 6.80
CA LYS B 167 -4.93 38.57 5.65
C LYS B 167 -3.94 39.70 5.89
N GLU B 168 -4.12 40.42 7.00
CA GLU B 168 -3.29 41.59 7.25
C GLU B 168 -1.84 41.18 7.50
N LYS B 169 -1.62 40.15 8.33
CA LYS B 169 -0.27 39.66 8.62
C LYS B 169 0.45 39.28 7.34
N LEU B 170 -0.23 38.56 6.45
CA LEU B 170 0.36 38.18 5.17
C LEU B 170 0.72 39.40 4.34
N ASN B 171 -0.17 40.39 4.31
CA ASN B 171 0.11 41.59 3.51
C ASN B 171 1.32 42.36 4.04
N ARG B 172 1.45 42.48 5.37
CA ARG B 172 2.56 43.21 5.96
C ARG B 172 3.89 42.47 5.75
N LEU B 173 3.89 41.15 5.93
CA LEU B 173 5.12 40.40 5.74
C LEU B 173 5.54 40.41 4.27
N MET B 174 4.57 40.29 3.35
CA MET B 174 4.87 40.37 1.94
C MET B 174 5.40 41.73 1.53
N ALA B 175 4.83 42.81 2.10
CA ALA B 175 5.32 44.15 1.81
C ALA B 175 6.76 44.31 2.27
N LYS B 176 7.09 43.73 3.44
CA LYS B 176 8.47 43.75 3.91
C LYS B 176 9.39 42.98 2.97
N HIS B 177 8.97 41.77 2.58
CA HIS B 177 9.73 40.98 1.61
C HIS B 177 9.95 41.74 0.31
N CYS B 178 8.94 42.46 -0.16
CA CYS B 178 8.99 43.14 -1.43
C CYS B 178 9.52 44.56 -1.35
N ASP B 179 9.86 45.05 -0.16
CA ASP B 179 10.25 46.45 0.04
C ASP B 179 9.20 47.38 -0.55
N ARG B 180 7.95 47.15 -0.19
CA ARG B 180 6.79 47.84 -0.77
C ARG B 180 5.88 48.31 0.35
N ASP B 181 5.00 49.25 0.02
CA ASP B 181 4.03 49.71 1.00
C ASP B 181 2.97 48.65 1.23
N LEU B 182 2.53 48.54 2.48
CA LEU B 182 1.44 47.66 2.83
C LEU B 182 0.22 47.89 1.91
N ALA B 183 -0.13 49.16 1.67
CA ALA B 183 -1.32 49.45 0.87
C ALA B 183 -1.18 48.94 -0.56
N ASP B 184 0.07 48.82 -1.06
CA ASP B 184 0.30 48.16 -2.34
C ASP B 184 -0.15 46.71 -2.30
N LEU B 185 0.31 45.98 -1.28
CA LEU B 185 -0.04 44.56 -1.17
C LEU B 185 -1.54 44.38 -0.98
N GLU B 186 -2.16 45.24 -0.16
CA GLU B 186 -3.61 45.18 0.03
C GLU B 186 -4.35 45.34 -1.29
N ARG B 187 -3.93 46.29 -2.12
CA ARG B 187 -4.57 46.44 -3.42
C ARG B 187 -4.31 45.25 -4.32
N ASP B 188 -3.08 44.75 -4.35
CA ASP B 188 -2.65 43.82 -5.38
C ASP B 188 -2.92 42.36 -5.02
N THR B 189 -3.46 42.08 -3.84
CA THR B 189 -3.86 40.72 -3.47
C THR B 189 -5.37 40.59 -3.33
N ASP B 190 -6.13 41.64 -3.66
CA ASP B 190 -7.57 41.58 -3.50
C ASP B 190 -8.17 40.43 -4.31
N ARG B 191 -7.73 40.26 -5.55
CA ARG B 191 -8.09 39.08 -6.31
C ARG B 191 -6.79 38.47 -6.84
N ASP B 192 -6.91 37.29 -7.45
CA ASP B 192 -5.75 36.55 -7.93
C ASP B 192 -4.90 37.42 -8.86
N ASN B 193 -3.61 37.48 -8.58
CA ASN B 193 -2.69 38.41 -9.25
C ASN B 193 -1.54 37.56 -9.79
N PHE B 194 -1.67 37.12 -11.04
CA PHE B 194 -0.62 36.33 -11.68
C PHE B 194 0.46 37.25 -12.22
N MET B 195 1.71 36.84 -12.04
CA MET B 195 2.87 37.59 -12.50
C MET B 195 3.84 36.66 -13.21
N SER B 196 4.35 37.14 -14.35
CA SER B 196 5.51 36.52 -14.97
C SER B 196 6.73 36.68 -14.07
N ALA B 197 7.81 36.00 -14.45
CA ALA B 197 9.07 36.14 -13.69
C ALA B 197 9.57 37.58 -13.72
N GLU B 198 9.42 38.25 -14.87
CA GLU B 198 9.84 39.66 -14.94
C GLU B 198 9.00 40.53 -14.02
N GLU B 199 7.67 40.35 -14.07
CA GLU B 199 6.77 41.15 -13.24
C GLU B 199 7.02 40.90 -11.76
N ALA B 200 7.26 39.64 -11.37
CA ALA B 200 7.59 39.32 -9.99
C ALA B 200 8.92 39.97 -9.57
N LYS B 201 9.85 40.09 -10.51
CA LYS B 201 11.11 40.75 -10.19
C LYS B 201 10.89 42.25 -9.95
N GLU B 202 10.19 42.91 -10.86
CA GLU B 202 9.88 44.32 -10.69
C GLU B 202 9.07 44.55 -9.41
N TYR B 203 8.17 43.61 -9.07
CA TYR B 203 7.37 43.77 -7.87
C TYR B 203 8.22 43.66 -6.61
N GLY B 204 9.35 42.98 -6.71
CA GLY B 204 10.21 42.79 -5.56
C GLY B 204 10.09 41.45 -4.89
N LEU B 205 9.32 40.52 -5.47
CA LEU B 205 9.17 39.18 -4.92
C LEU B 205 10.42 38.33 -5.13
N ILE B 206 11.17 38.55 -6.22
CA ILE B 206 12.41 37.83 -6.46
C ILE B 206 13.48 38.86 -6.79
N ASP B 207 14.72 38.39 -6.84
CA ASP B 207 15.88 39.21 -7.16
C ASP B 207 16.36 39.08 -8.59
N GLN B 208 16.36 37.86 -9.16
CA GLN B 208 16.89 37.68 -10.50
C GLN B 208 16.15 36.54 -11.18
N ILE B 209 16.09 36.63 -12.50
CA ILE B 209 15.61 35.57 -13.36
C ILE B 209 16.84 34.86 -13.93
N LEU B 210 16.95 33.56 -13.74
CA LEU B 210 18.10 32.80 -14.20
C LEU B 210 17.69 31.92 -15.36
N GLU B 211 18.38 32.06 -16.48
CA GLU B 211 18.12 31.24 -17.66
C GLU B 211 18.99 29.99 -17.70
N ASN B 212 20.24 30.13 -17.24
CA ASN B 212 21.19 29.03 -17.13
C ASN B 212 22.26 29.46 -16.13
N ARG B 213 23.18 28.55 -15.81
CA ARG B 213 24.27 28.94 -14.92
C ARG B 213 25.17 30.01 -15.54
N VAL C 22 9.62 10.04 2.39
CA VAL C 22 10.58 10.43 3.42
C VAL C 22 11.98 10.01 2.99
N PRO C 23 12.82 10.97 2.61
CA PRO C 23 14.18 10.64 2.14
C PRO C 23 14.87 9.67 3.07
N THR C 24 15.51 8.64 2.50
CA THR C 24 16.05 7.53 3.26
C THR C 24 17.37 7.06 2.65
N VAL C 25 18.26 6.59 3.52
CA VAL C 25 19.57 6.08 3.12
C VAL C 25 19.80 4.71 3.76
N PHE C 36 18.03 4.92 6.66
CA PHE C 36 17.44 5.76 7.70
C PHE C 36 16.85 7.02 7.09
N ASP C 37 15.66 7.38 7.53
CA ASP C 37 14.96 8.51 6.95
C ASP C 37 15.29 9.79 7.71
N ILE C 38 14.67 10.89 7.28
CA ILE C 38 15.01 12.20 7.81
C ILE C 38 14.52 12.35 9.26
N TYR C 39 13.35 11.77 9.59
CA TYR C 39 12.87 11.90 10.97
C TYR C 39 13.70 11.05 11.94
N SER C 40 14.16 9.87 11.50
CA SER C 40 15.02 9.05 12.35
C SER C 40 16.37 9.74 12.58
N ARG C 41 16.88 10.42 11.55
CA ARG C 41 18.12 11.18 11.68
C ARG C 41 17.96 12.31 12.69
N LEU C 42 16.85 13.06 12.64
CA LEU C 42 16.69 14.15 13.60
C LEU C 42 16.39 13.64 15.00
N LEU C 43 15.83 12.43 15.10
CA LEU C 43 15.65 11.81 16.40
C LEU C 43 16.99 11.60 17.09
N LYS C 44 18.05 11.37 16.31
CA LYS C 44 19.40 11.27 16.88
C LYS C 44 19.87 12.61 17.42
N GLU C 45 19.26 13.72 17.02
CA GLU C 45 19.49 15.03 17.60
C GLU C 45 18.54 15.33 18.77
N ARG C 46 17.76 14.33 19.18
CA ARG C 46 16.75 14.44 20.25
C ARG C 46 15.60 15.38 19.89
N ILE C 47 15.26 15.45 18.60
CA ILE C 47 14.07 16.19 18.16
C ILE C 47 12.94 15.20 17.90
N VAL C 48 11.77 15.45 18.49
CA VAL C 48 10.58 14.66 18.27
C VAL C 48 9.51 15.59 17.72
N PHE C 49 8.84 15.20 16.64
CA PHE C 49 7.78 16.01 16.06
C PHE C 49 6.41 15.46 16.40
N LEU C 50 5.46 16.36 16.65
CA LEU C 50 4.03 16.07 16.61
C LEU C 50 3.46 16.88 15.46
N VAL C 51 3.03 16.21 14.40
CA VAL C 51 2.52 16.87 13.20
C VAL C 51 1.13 16.32 12.93
N GLY C 52 0.14 17.22 12.86
CA GLY C 52 -1.18 16.85 12.43
C GLY C 52 -1.99 16.35 13.60
N PRO C 53 -3.14 15.75 13.32
CA PRO C 53 -4.09 15.40 14.41
C PRO C 53 -3.49 14.46 15.43
N VAL C 54 -3.88 14.66 16.70
CA VAL C 54 -3.46 13.81 17.81
C VAL C 54 -4.41 12.62 17.89
N THR C 55 -3.90 11.44 17.56
CA THR C 55 -4.66 10.19 17.60
C THR C 55 -3.96 9.24 18.55
N ASP C 56 -4.60 8.11 18.84
CA ASP C 56 -3.94 7.10 19.65
C ASP C 56 -2.63 6.70 19.00
N GLU C 57 -2.61 6.60 17.68
CA GLU C 57 -1.44 6.08 17.00
C GLU C 57 -0.35 7.15 16.88
N SER C 58 -0.72 8.39 16.52
CA SER C 58 0.30 9.43 16.45
C SER C 58 0.85 9.78 17.82
N ALA C 59 -0.02 9.78 18.85
CA ALA C 59 0.43 10.05 20.21
C ALA C 59 1.37 8.96 20.72
N ASN C 60 1.04 7.69 20.49
CA ASN C 60 1.92 6.67 21.05
C ASN C 60 3.26 6.63 20.32
N LEU C 61 3.28 6.99 19.04
CA LEU C 61 4.56 7.15 18.36
C LEU C 61 5.43 8.20 19.06
N VAL C 62 4.80 9.29 19.52
CA VAL C 62 5.53 10.31 20.26
C VAL C 62 6.03 9.75 21.60
N VAL C 63 5.15 9.04 22.32
CA VAL C 63 5.51 8.41 23.59
C VAL C 63 6.70 7.48 23.39
N ALA C 64 6.66 6.67 22.34
CA ALA C 64 7.74 5.72 22.09
C ALA C 64 9.08 6.43 21.92
N GLN C 65 9.09 7.52 21.15
CA GLN C 65 10.30 8.29 20.92
C GLN C 65 10.80 8.95 22.20
N LEU C 66 9.88 9.45 23.02
CA LEU C 66 10.27 10.01 24.31
C LEU C 66 10.96 8.96 25.15
N LEU C 67 10.37 7.75 25.24
CA LEU C 67 10.97 6.69 26.03
C LEU C 67 12.29 6.25 25.44
N PHE C 68 12.38 6.19 24.10
CA PHE C 68 13.65 5.86 23.44
C PHE C 68 14.75 6.85 23.83
N LEU C 69 14.46 8.14 23.74
CA LEU C 69 15.48 9.14 24.02
C LEU C 69 15.88 9.13 25.49
N GLU C 70 14.93 8.88 26.41
CA GLU C 70 15.30 8.75 27.82
C GLU C 70 16.23 7.56 28.04
N SER C 71 15.93 6.44 27.41
CA SER C 71 16.75 5.24 27.60
C SER C 71 18.17 5.45 27.05
N GLU C 72 18.27 6.19 25.94
CA GLU C 72 19.58 6.46 25.35
C GLU C 72 20.38 7.43 26.21
N ASN C 73 19.73 8.49 26.71
CA ASN C 73 20.38 9.41 27.65
C ASN C 73 19.29 10.06 28.50
N PRO C 74 19.14 9.64 29.77
CA PRO C 74 18.11 10.21 30.64
C PRO C 74 18.43 11.62 31.12
N ASP C 75 19.58 12.19 30.78
CA ASP C 75 20.00 13.45 31.36
C ASP C 75 20.04 14.59 30.37
N LYS C 76 19.74 14.35 29.11
CA LYS C 76 19.75 15.43 28.13
C LYS C 76 18.32 15.85 27.81
N ASP C 77 18.15 17.15 27.54
CA ASP C 77 16.87 17.68 27.07
C ASP C 77 16.42 16.97 25.81
N ILE C 78 15.10 16.97 25.62
CA ILE C 78 14.41 16.54 24.42
C ILE C 78 13.71 17.76 23.84
N PHE C 79 13.68 17.85 22.52
CA PHE C 79 13.09 19.00 21.85
C PHE C 79 11.86 18.50 21.10
N PHE C 80 10.69 18.92 21.57
CA PHE C 80 9.41 18.42 21.11
C PHE C 80 8.78 19.53 20.25
N TYR C 81 8.83 19.34 18.93
CA TYR C 81 8.32 20.30 17.96
C TYR C 81 6.88 19.96 17.58
N ILE C 82 5.98 20.92 17.77
CA ILE C 82 4.54 20.68 17.63
C ILE C 82 3.98 21.57 16.53
N ASN C 83 3.35 20.95 15.53
CA ASN C 83 2.52 21.62 14.51
C ASN C 83 1.25 20.78 14.42
N SER C 84 0.23 21.10 15.21
CA SER C 84 -0.91 20.19 15.36
C SER C 84 -2.19 20.99 15.54
N PRO C 85 -3.29 20.58 14.90
CA PRO C 85 -4.60 21.21 15.15
C PRO C 85 -5.31 20.69 16.39
N GLY C 86 -4.79 19.68 17.08
CA GLY C 86 -5.52 19.08 18.18
C GLY C 86 -5.85 17.63 17.91
N GLY C 87 -6.84 17.06 18.59
CA GLY C 87 -7.20 15.66 18.45
C GLY C 87 -7.69 15.09 19.77
N SER C 88 -7.50 13.78 19.96
CA SER C 88 -8.07 13.07 21.11
C SER C 88 -7.43 13.49 22.43
N VAL C 89 -8.29 13.75 23.43
CA VAL C 89 -7.83 14.12 24.77
C VAL C 89 -7.01 13.00 25.40
N THR C 90 -7.57 11.79 25.43
CA THR C 90 -6.87 10.71 26.12
C THR C 90 -5.55 10.41 25.42
N ALA C 91 -5.52 10.51 24.10
CA ALA C 91 -4.25 10.32 23.37
C ALA C 91 -3.24 11.41 23.72
N GLY C 92 -3.69 12.65 23.82
CA GLY C 92 -2.81 13.72 24.24
C GLY C 92 -2.35 13.56 25.68
N MET C 93 -3.24 13.06 26.54
CA MET C 93 -2.85 12.79 27.91
C MET C 93 -1.73 11.76 27.98
N SER C 94 -1.71 10.77 27.07
CA SER C 94 -0.62 9.80 27.13
C SER C 94 0.73 10.48 26.89
N ILE C 95 0.76 11.46 26.00
CA ILE C 95 1.99 12.22 25.79
C ILE C 95 2.31 13.08 27.01
N TYR C 96 1.32 13.82 27.49
CA TYR C 96 1.51 14.73 28.62
C TYR C 96 2.12 14.02 29.83
N ASP C 97 1.51 12.93 30.28
CA ASP C 97 2.05 12.22 31.44
C ASP C 97 3.42 11.61 31.13
N THR C 98 3.68 11.22 29.89
CA THR C 98 5.01 10.70 29.59
C THR C 98 6.05 11.81 29.68
N MET C 99 5.74 12.98 29.08
CA MET C 99 6.59 14.17 29.23
C MET C 99 6.97 14.41 30.69
N ASN C 100 6.00 14.29 31.60
CA ASN C 100 6.27 14.53 33.01
C ASN C 100 6.89 13.32 33.69
N PHE C 101 6.65 12.11 33.18
CA PHE C 101 7.22 10.93 33.82
C PHE C 101 8.72 10.83 33.58
N ILE C 102 9.16 11.01 32.33
CA ILE C 102 10.56 10.72 31.97
C ILE C 102 11.50 11.71 32.65
N LYS C 103 12.77 11.31 32.76
CA LYS C 103 13.73 12.15 33.45
C LYS C 103 14.18 13.35 32.61
N PRO C 104 14.36 13.24 31.28
CA PRO C 104 14.73 14.43 30.51
C PRO C 104 13.70 15.55 30.64
N ASP C 105 14.20 16.79 30.71
CA ASP C 105 13.38 17.96 30.44
C ASP C 105 12.86 17.87 29.01
N VAL C 106 11.58 18.14 28.81
CA VAL C 106 11.00 18.18 27.47
C VAL C 106 10.74 19.63 27.13
N SER C 107 11.56 20.16 26.25
CA SER C 107 11.38 21.49 25.71
C SER C 107 10.37 21.41 24.57
N THR C 108 9.52 22.41 24.46
CA THR C 108 8.52 22.41 23.41
C THR C 108 8.73 23.62 22.50
N LEU C 109 8.40 23.43 21.22
CA LEU C 109 8.45 24.50 20.24
C LEU C 109 7.14 24.49 19.44
N CYS C 110 6.51 25.65 19.32
CA CYS C 110 5.35 25.78 18.44
C CYS C 110 5.81 26.26 17.07
N LEU C 111 5.61 25.43 16.04
CA LEU C 111 5.87 25.85 14.68
C LEU C 111 4.63 25.63 13.83
N GLY C 112 4.27 26.63 13.05
CA GLY C 112 3.01 26.56 12.34
C GLY C 112 1.90 26.89 13.32
N GLN C 113 1.39 25.88 14.02
CA GLN C 113 0.34 26.15 15.00
C GLN C 113 0.31 25.04 16.05
N ALA C 114 -0.23 25.39 17.20
CA ALA C 114 -0.49 24.41 18.24
C ALA C 114 -1.88 24.73 18.74
N ALA C 115 -2.85 23.92 18.37
CA ALA C 115 -4.27 24.17 18.65
C ALA C 115 -4.80 23.06 19.52
N SER C 116 -5.67 23.43 20.46
CA SER C 116 -6.41 22.44 21.23
C SER C 116 -5.38 21.58 21.98
N MET C 117 -5.43 20.24 21.88
CA MET C 117 -4.45 19.42 22.57
C MET C 117 -3.02 19.73 22.12
N GLY C 118 -2.83 20.28 20.93
CA GLY C 118 -1.49 20.73 20.55
C GLY C 118 -1.01 21.88 21.44
N ALA C 119 -1.92 22.81 21.77
CA ALA C 119 -1.56 23.91 22.65
C ALA C 119 -1.36 23.42 24.08
N PHE C 120 -2.16 22.43 24.50
CA PHE C 120 -1.99 21.83 25.83
C PHE C 120 -0.59 21.23 25.98
N LEU C 121 -0.17 20.45 25.00
CA LEU C 121 1.18 19.86 25.05
C LEU C 121 2.27 20.93 24.98
N LEU C 122 2.10 21.93 24.13
CA LEU C 122 3.05 23.03 24.09
C LEU C 122 3.21 23.69 25.45
N SER C 123 2.10 23.95 26.14
CA SER C 123 2.20 24.59 27.44
C SER C 123 2.71 23.64 28.51
N ALA C 124 2.78 22.35 28.23
CA ALA C 124 3.28 21.38 29.18
C ALA C 124 4.80 21.23 29.17
N GLY C 125 5.52 21.87 28.25
CA GLY C 125 6.96 21.74 28.25
C GLY C 125 7.57 22.19 29.57
N GLU C 126 8.83 21.80 29.79
CA GLU C 126 9.55 22.24 30.98
C GLU C 126 9.51 23.77 31.06
N LYS C 127 9.10 24.30 32.22
CA LYS C 127 8.98 25.75 32.34
C LYS C 127 10.32 26.44 32.12
N GLY C 128 10.29 27.56 31.39
CA GLY C 128 11.47 28.21 30.86
C GLY C 128 11.98 27.62 29.57
N LYS C 129 11.43 26.50 29.13
CA LYS C 129 11.90 25.90 27.87
C LYS C 129 10.74 25.68 26.89
N ARG C 130 9.66 26.45 27.03
CA ARG C 130 8.52 26.42 26.10
C ARG C 130 8.65 27.59 25.14
N PHE C 131 8.65 27.30 23.83
CA PHE C 131 9.01 28.28 22.82
C PHE C 131 7.97 28.29 21.70
N ALA C 132 7.92 29.40 20.97
CA ALA C 132 7.13 29.51 19.75
C ALA C 132 7.90 30.31 18.71
N LEU C 133 7.78 29.93 17.45
CA LEU C 133 8.36 30.72 16.39
C LEU C 133 7.52 31.97 16.14
N PRO C 134 8.11 33.03 15.55
CA PRO C 134 7.46 34.36 15.66
C PRO C 134 6.12 34.47 14.95
N ASN C 135 5.85 33.65 13.93
CA ASN C 135 4.62 33.72 13.17
C ASN C 135 3.75 32.49 13.36
N SER C 136 4.03 31.70 14.40
CA SER C 136 3.15 30.59 14.74
C SER C 136 1.91 31.12 15.46
N ARG C 137 0.93 30.26 15.65
CA ARG C 137 -0.25 30.66 16.41
C ARG C 137 -0.67 29.53 17.35
N ILE C 138 -1.36 29.95 18.41
CA ILE C 138 -1.81 29.02 19.44
C ILE C 138 -3.32 29.22 19.54
N MET C 139 -4.05 28.14 19.79
CA MET C 139 -5.48 28.29 20.00
C MET C 139 -5.91 27.33 21.09
N ILE C 140 -6.78 27.80 21.98
CA ILE C 140 -7.25 26.97 23.08
C ILE C 140 -8.77 27.02 23.05
N HIS C 141 -9.38 25.94 23.51
CA HIS C 141 -10.85 25.89 23.54
C HIS C 141 -11.28 24.71 24.40
N GLN C 142 -12.54 24.74 24.81
CA GLN C 142 -13.11 23.67 25.62
C GLN C 142 -13.29 22.42 24.76
N PRO C 143 -13.49 21.25 25.39
CA PRO C 143 -13.70 20.02 24.60
C PRO C 143 -14.89 20.09 23.66
N LEU C 144 -14.88 19.18 22.69
CA LEU C 144 -15.75 19.21 21.52
C LEU C 144 -15.83 17.78 21.03
N ILE C 145 -17.03 17.30 20.75
CA ILE C 145 -17.20 16.00 20.11
C ILE C 145 -17.93 16.22 18.80
N GLY C 150 -25.19 6.95 20.01
CA GLY C 150 -26.11 7.59 20.94
C GLY C 150 -26.30 6.75 22.19
N GLY C 151 -27.49 6.74 22.76
CA GLY C 151 -27.75 5.86 23.88
C GLY C 151 -29.01 6.26 24.62
N GLN C 152 -29.26 5.54 25.70
CA GLN C 152 -30.32 5.96 26.60
C GLN C 152 -29.89 7.23 27.32
N ALA C 153 -30.88 7.93 27.88
CA ALA C 153 -30.58 9.17 28.60
C ALA C 153 -29.64 8.93 29.76
N SER C 154 -29.74 7.76 30.43
CA SER C 154 -28.77 7.38 31.47
C SER C 154 -27.33 7.37 30.92
N ASP C 155 -27.15 6.84 29.71
CA ASP C 155 -25.79 6.80 29.13
C ASP C 155 -25.33 8.18 28.74
N ILE C 156 -26.22 9.00 28.18
CA ILE C 156 -25.86 10.36 27.79
C ILE C 156 -25.44 11.15 29.03
N GLU C 157 -26.17 10.98 30.14
CA GLU C 157 -25.82 11.67 31.38
C GLU C 157 -24.41 11.31 31.83
N ILE C 158 -24.08 10.01 31.78
CA ILE C 158 -22.76 9.55 32.19
C ILE C 158 -21.68 10.19 31.34
N HIS C 159 -21.88 10.19 30.02
CA HIS C 159 -20.86 10.70 29.11
C HIS C 159 -20.77 12.21 29.14
N ALA C 160 -21.92 12.89 29.30
CA ALA C 160 -21.90 14.34 29.50
C ALA C 160 -21.12 14.69 30.78
N ARG C 161 -21.40 13.98 31.88
CA ARG C 161 -20.64 14.20 33.11
C ARG C 161 -19.13 14.00 32.89
N GLU C 162 -18.75 12.90 32.24
CA GLU C 162 -17.34 12.63 31.98
C GLU C 162 -16.70 13.73 31.13
N LEU C 163 -17.43 14.23 30.14
CA LEU C 163 -16.89 15.29 29.29
C LEU C 163 -16.69 16.58 30.07
N LEU C 164 -17.58 16.86 31.03
CA LEU C 164 -17.45 18.06 31.86
C LEU C 164 -16.29 17.94 32.85
N LYS C 165 -16.04 16.74 33.39
CA LYS C 165 -14.87 16.51 34.23
C LYS C 165 -13.57 16.71 33.43
N ILE C 166 -13.56 16.25 32.19
CA ILE C 166 -12.42 16.47 31.30
C ILE C 166 -12.21 17.96 31.04
N LYS C 167 -13.30 18.68 30.74
CA LYS C 167 -13.25 20.12 30.57
C LYS C 167 -12.61 20.82 31.77
N GLU C 168 -13.02 20.46 32.99
CA GLU C 168 -12.45 21.13 34.16
C GLU C 168 -11.02 20.68 34.43
N LYS C 169 -10.74 19.40 34.26
CA LYS C 169 -9.36 18.91 34.39
C LYS C 169 -8.41 19.66 33.45
N LEU C 170 -8.80 19.84 32.18
CA LEU C 170 -7.88 20.49 31.25
C LEU C 170 -7.74 21.98 31.55
N ASN C 171 -8.81 22.64 32.00
CA ASN C 171 -8.67 24.04 32.39
C ASN C 171 -7.78 24.19 33.64
N ARG C 172 -7.84 23.25 34.57
CA ARG C 172 -7.01 23.34 35.76
C ARG C 172 -5.55 23.03 35.47
N LEU C 173 -5.30 22.03 34.62
CA LEU C 173 -3.92 21.75 34.24
C LEU C 173 -3.33 22.91 33.46
N MET C 174 -4.10 23.49 32.53
CA MET C 174 -3.59 24.60 31.73
C MET C 174 -3.32 25.83 32.58
N ALA C 175 -4.23 26.14 33.50
CA ALA C 175 -4.02 27.25 34.43
C ALA C 175 -2.72 27.07 35.18
N LYS C 176 -2.44 25.85 35.64
CA LYS C 176 -1.18 25.58 36.31
C LYS C 176 0.02 25.83 35.39
N HIS C 177 -0.05 25.34 34.15
CA HIS C 177 1.02 25.60 33.17
C HIS C 177 1.25 27.09 32.95
N CYS C 178 0.18 27.87 32.88
CA CYS C 178 0.22 29.30 32.56
C CYS C 178 0.38 30.18 33.79
N ASP C 179 0.45 29.59 34.98
CA ASP C 179 0.39 30.32 36.24
C ASP C 179 -0.75 31.33 36.20
N ARG C 180 -1.95 30.84 35.85
CA ARG C 180 -3.20 31.59 35.75
C ARG C 180 -4.25 30.92 36.61
N ASP C 181 -5.40 31.54 36.72
CA ASP C 181 -6.48 30.98 37.52
C ASP C 181 -7.38 30.11 36.66
N LEU C 182 -7.97 29.08 37.30
CA LEU C 182 -8.99 28.28 36.63
C LEU C 182 -10.09 29.15 36.00
N ALA C 183 -10.50 30.22 36.69
CA ALA C 183 -11.57 31.07 36.15
C ALA C 183 -11.13 31.78 34.88
N ASP C 184 -9.86 32.17 34.79
CA ASP C 184 -9.32 32.71 33.54
C ASP C 184 -9.50 31.72 32.40
N LEU C 185 -9.06 30.48 32.61
CA LEU C 185 -9.09 29.51 31.52
C LEU C 185 -10.52 29.17 31.13
N GLU C 186 -11.43 29.13 32.11
CA GLU C 186 -12.83 28.86 31.78
C GLU C 186 -13.40 29.95 30.89
N ARG C 187 -13.14 31.21 31.24
CA ARG C 187 -13.60 32.31 30.40
C ARG C 187 -12.96 32.24 29.01
N ASP C 188 -11.66 31.94 28.96
CA ASP C 188 -10.83 32.12 27.76
C ASP C 188 -10.86 30.93 26.81
N THR C 189 -11.53 29.85 27.16
CA THR C 189 -11.66 28.69 26.30
C THR C 189 -13.11 28.40 25.96
N ASP C 190 -14.03 29.31 26.32
CA ASP C 190 -15.45 29.02 26.11
C ASP C 190 -15.75 28.84 24.63
N ARG C 191 -15.09 29.65 23.78
CA ARG C 191 -15.07 29.48 22.34
C ARG C 191 -13.61 29.53 21.89
N ASP C 192 -13.38 29.31 20.59
CA ASP C 192 -12.01 29.23 20.07
C ASP C 192 -11.25 30.53 20.30
N ASN C 193 -10.09 30.42 20.93
CA ASN C 193 -9.33 31.59 21.34
C ASN C 193 -7.97 31.49 20.68
N PHE C 194 -7.82 32.22 19.57
CA PHE C 194 -6.56 32.26 18.83
C PHE C 194 -5.62 33.30 19.42
N MET C 195 -4.35 32.94 19.53
CA MET C 195 -3.34 33.82 20.09
C MET C 195 -2.10 33.86 19.20
N SER C 196 -1.56 35.06 19.04
CA SER C 196 -0.22 35.19 18.47
C SER C 196 0.82 34.65 19.46
N ALA C 197 2.06 34.56 18.98
CA ALA C 197 3.14 34.14 19.87
C ALA C 197 3.30 35.10 21.05
N GLU C 198 3.22 36.41 20.80
CA GLU C 198 3.31 37.37 21.89
C GLU C 198 2.14 37.21 22.86
N GLU C 199 0.92 37.10 22.33
CA GLU C 199 -0.23 36.88 23.21
C GLU C 199 -0.08 35.60 24.02
N ALA C 200 0.50 34.56 23.40
CA ALA C 200 0.68 33.31 24.11
C ALA C 200 1.71 33.46 25.24
N LYS C 201 2.76 34.24 24.98
CA LYS C 201 3.77 34.50 26.00
C LYS C 201 3.19 35.29 27.17
N GLU C 202 2.47 36.37 26.87
CA GLU C 202 1.84 37.16 27.94
C GLU C 202 0.84 36.32 28.74
N TYR C 203 0.14 35.39 28.09
CA TYR C 203 -0.83 34.56 28.79
C TYR C 203 -0.14 33.56 29.72
N GLY C 204 1.08 33.15 29.40
CA GLY C 204 1.80 32.16 30.18
C GLY C 204 1.91 30.79 29.54
N LEU C 205 1.43 30.63 28.30
CA LEU C 205 1.46 29.35 27.63
C LEU C 205 2.86 28.98 27.16
N ILE C 206 3.69 29.97 26.83
CA ILE C 206 5.07 29.77 26.45
C ILE C 206 5.93 30.73 27.26
N ASP C 207 7.23 30.49 27.24
CA ASP C 207 8.19 31.32 27.94
C ASP C 207 8.87 32.36 27.06
N GLN C 208 9.20 32.01 25.81
CA GLN C 208 9.92 32.94 24.94
C GLN C 208 9.59 32.66 23.47
N ILE C 209 9.62 33.73 22.68
CA ILE C 209 9.51 33.68 21.23
C ILE C 209 10.92 33.69 20.64
N LEU C 210 11.24 32.70 19.82
CA LEU C 210 12.57 32.59 19.23
C LEU C 210 12.49 32.92 17.76
N GLU C 211 13.11 34.05 17.36
CA GLU C 211 13.32 34.32 15.93
C GLU C 211 14.48 33.48 15.38
N ASN C 212 15.53 33.35 16.18
CA ASN C 212 16.71 32.54 15.91
C ASN C 212 17.35 32.26 17.27
N ARG C 213 18.50 31.56 17.28
CA ARG C 213 19.07 31.17 18.56
C ARG C 213 19.48 32.37 19.40
N ALA C 214 19.82 33.50 18.78
CA ALA C 214 20.20 34.69 19.52
C ALA C 214 19.06 35.23 20.37
N SER C 215 17.81 34.87 20.06
CA SER C 215 16.68 35.25 20.90
C SER C 215 16.82 34.68 22.30
N LEU C 216 17.51 33.55 22.46
CA LEU C 216 17.75 33.03 23.81
C LEU C 216 18.86 33.84 24.49
N PHE D 36 14.93 -1.90 13.09
CA PHE D 36 15.46 -0.65 13.65
C PHE D 36 14.33 0.30 14.03
N ASP D 37 13.09 -0.08 13.72
CA ASP D 37 11.95 0.74 14.09
C ASP D 37 11.82 0.83 15.61
N ILE D 38 11.08 1.84 16.06
CA ILE D 38 11.16 2.28 17.44
C ILE D 38 10.50 1.28 18.38
N TYR D 39 9.43 0.63 17.95
CA TYR D 39 8.78 -0.33 18.82
C TYR D 39 9.65 -1.57 19.02
N SER D 40 10.35 -2.00 17.96
CA SER D 40 11.32 -3.08 18.11
C SER D 40 12.45 -2.68 19.03
N ARG D 41 12.91 -1.43 18.93
CA ARG D 41 13.94 -0.96 19.84
C ARG D 41 13.46 -1.02 21.30
N LEU D 42 12.22 -0.58 21.54
CA LEU D 42 11.70 -0.56 22.91
C LEU D 42 11.47 -1.97 23.44
N LEU D 43 11.21 -2.92 22.55
CA LEU D 43 11.13 -4.33 22.92
C LEU D 43 12.39 -4.81 23.63
N LYS D 44 13.54 -4.16 23.39
CA LYS D 44 14.77 -4.52 24.10
C LYS D 44 14.76 -4.06 25.55
N GLU D 45 13.94 -3.08 25.89
CA GLU D 45 13.66 -2.74 27.28
C GLU D 45 12.54 -3.61 27.87
N ARG D 46 12.05 -4.60 27.12
CA ARG D 46 10.95 -5.47 27.52
C ARG D 46 9.62 -4.70 27.65
N ILE D 47 9.43 -3.69 26.82
CA ILE D 47 8.20 -2.91 26.78
C ILE D 47 7.38 -3.38 25.60
N VAL D 48 6.11 -3.68 25.87
CA VAL D 48 5.13 -4.08 24.86
C VAL D 48 3.96 -3.10 24.96
N PHE D 49 3.47 -2.62 23.82
CA PHE D 49 2.36 -1.69 23.79
C PHE D 49 1.10 -2.36 23.25
N LEU D 50 -0.03 -2.03 23.84
CA LEU D 50 -1.33 -2.24 23.21
C LEU D 50 -1.93 -0.86 23.00
N VAL D 51 -2.12 -0.48 21.73
CA VAL D 51 -2.62 0.83 21.34
C VAL D 51 -3.85 0.66 20.45
N GLY D 52 -4.94 1.31 20.83
CA GLY D 52 -6.14 1.28 20.01
C GLY D 52 -6.93 0.01 20.24
N PRO D 53 -7.88 -0.26 19.35
CA PRO D 53 -8.84 -1.35 19.58
C PRO D 53 -8.17 -2.72 19.64
N VAL D 54 -8.66 -3.54 20.55
CA VAL D 54 -8.27 -4.94 20.71
C VAL D 54 -8.92 -5.76 19.60
N THR D 55 -8.12 -6.27 18.67
CA THR D 55 -8.63 -7.17 17.63
C THR D 55 -7.84 -8.47 17.67
N ASP D 56 -8.29 -9.46 16.91
CA ASP D 56 -7.51 -10.69 16.79
C ASP D 56 -6.08 -10.37 16.38
N GLU D 57 -5.92 -9.48 15.40
CA GLU D 57 -4.61 -9.16 14.88
C GLU D 57 -3.76 -8.40 15.89
N SER D 58 -4.34 -7.38 16.53
CA SER D 58 -3.51 -6.61 17.46
C SER D 58 -3.27 -7.38 18.75
N ALA D 59 -4.23 -8.19 19.19
CA ALA D 59 -4.01 -9.03 20.36
C ALA D 59 -2.94 -10.09 20.10
N ASN D 60 -2.94 -10.69 18.89
CA ASN D 60 -1.95 -11.72 18.68
C ASN D 60 -0.55 -11.15 18.60
N LEU D 61 -0.42 -9.94 18.06
CA LEU D 61 0.86 -9.25 18.07
C LEU D 61 1.37 -9.04 19.48
N VAL D 62 0.48 -8.69 20.42
CA VAL D 62 0.89 -8.62 21.83
C VAL D 62 1.34 -10.00 22.31
N VAL D 63 0.51 -11.02 22.07
CA VAL D 63 0.87 -12.39 22.46
C VAL D 63 2.26 -12.75 21.96
N ALA D 64 2.53 -12.44 20.69
CA ALA D 64 3.81 -12.82 20.10
C ALA D 64 4.97 -12.12 20.81
N GLN D 65 4.80 -10.84 21.16
CA GLN D 65 5.87 -10.14 21.86
C GLN D 65 6.06 -10.67 23.28
N LEU D 66 4.95 -11.02 23.96
CA LEU D 66 5.08 -11.61 25.29
C LEU D 66 5.83 -12.93 25.22
N LEU D 67 5.52 -13.78 24.24
CA LEU D 67 6.23 -15.05 24.11
C LEU D 67 7.70 -14.82 23.81
N PHE D 68 8.00 -13.82 22.96
CA PHE D 68 9.38 -13.52 22.60
C PHE D 68 10.18 -13.11 23.83
N LEU D 69 9.65 -12.16 24.62
CA LEU D 69 10.35 -11.66 25.78
C LEU D 69 10.58 -12.76 26.82
N GLU D 70 9.57 -13.62 27.02
CA GLU D 70 9.76 -14.79 27.90
C GLU D 70 10.89 -15.68 27.38
N SER D 71 10.92 -15.92 26.07
CA SER D 71 11.95 -16.75 25.47
C SER D 71 13.34 -16.15 25.66
N GLU D 72 13.46 -14.82 25.48
CA GLU D 72 14.73 -14.14 25.65
C GLU D 72 15.21 -14.15 27.09
N ASN D 73 14.32 -13.93 28.06
CA ASN D 73 14.64 -13.99 29.48
C ASN D 73 13.37 -14.30 30.26
N PRO D 74 13.16 -15.55 30.71
CA PRO D 74 11.92 -15.86 31.44
C PRO D 74 11.89 -15.35 32.87
N ASP D 75 12.96 -14.73 33.36
CA ASP D 75 13.07 -14.30 34.75
C ASP D 75 13.11 -12.79 34.91
N LYS D 76 12.78 -12.03 33.89
CA LYS D 76 12.71 -10.57 33.97
C LYS D 76 11.27 -10.12 33.75
N ASP D 77 10.87 -9.09 34.47
CA ASP D 77 9.53 -8.55 34.30
C ASP D 77 9.34 -8.03 32.87
N ILE D 78 8.08 -7.97 32.47
CA ILE D 78 7.67 -7.37 31.20
C ILE D 78 6.78 -6.18 31.53
N PHE D 79 6.93 -5.10 30.77
CA PHE D 79 6.21 -3.86 31.00
C PHE D 79 5.21 -3.66 29.87
N PHE D 80 3.94 -3.83 30.17
CA PHE D 80 2.86 -3.86 29.18
C PHE D 80 2.08 -2.55 29.29
N TYR D 81 2.33 -1.64 28.35
CA TYR D 81 1.78 -0.30 28.36
C TYR D 81 0.50 -0.29 27.52
N ILE D 82 -0.61 0.14 28.12
CA ILE D 82 -1.94 0.00 27.51
C ILE D 82 -2.56 1.38 27.29
N ASN D 83 -2.93 1.65 26.04
CA ASN D 83 -3.74 2.83 25.71
C ASN D 83 -4.76 2.33 24.71
N SER D 84 -5.91 1.89 25.22
CA SER D 84 -6.82 1.18 24.36
C SER D 84 -8.25 1.47 24.77
N PRO D 85 -9.17 1.64 23.82
CA PRO D 85 -10.58 1.77 24.15
C PRO D 85 -11.30 0.44 24.35
N GLY D 86 -10.62 -0.69 24.27
CA GLY D 86 -11.27 -1.98 24.33
C GLY D 86 -11.39 -2.64 22.97
N GLY D 87 -12.28 -3.61 22.87
CA GLY D 87 -12.41 -4.35 21.63
C GLY D 87 -12.92 -5.76 21.92
N SER D 88 -12.42 -6.73 21.15
CA SER D 88 -12.98 -8.08 21.20
C SER D 88 -12.66 -8.78 22.51
N VAL D 89 -13.68 -9.43 23.11
CA VAL D 89 -13.45 -10.15 24.36
C VAL D 89 -12.55 -11.37 24.15
N THR D 90 -12.79 -12.15 23.09
CA THR D 90 -11.98 -13.35 22.89
C THR D 90 -10.53 -12.97 22.57
N ALA D 91 -10.33 -11.89 21.82
CA ALA D 91 -8.98 -11.44 21.54
C ALA D 91 -8.30 -10.94 22.81
N GLY D 92 -9.05 -10.23 23.65
CA GLY D 92 -8.52 -9.83 24.94
C GLY D 92 -8.12 -11.02 25.79
N MET D 93 -8.95 -12.08 25.80
CA MET D 93 -8.64 -13.28 26.56
C MET D 93 -7.37 -13.97 26.05
N SER D 94 -7.03 -13.85 24.77
CA SER D 94 -5.78 -14.48 24.33
C SER D 94 -4.57 -13.81 25.00
N ILE D 95 -4.63 -12.48 25.15
CA ILE D 95 -3.60 -11.74 25.87
C ILE D 95 -3.61 -12.13 27.35
N TYR D 96 -4.80 -12.06 27.95
CA TYR D 96 -4.96 -12.32 29.37
C TYR D 96 -4.36 -13.66 29.77
N ASP D 97 -4.79 -14.73 29.08
CA ASP D 97 -4.27 -16.06 29.41
C ASP D 97 -2.78 -16.15 29.13
N THR D 98 -2.28 -15.44 28.11
CA THR D 98 -0.83 -15.45 27.86
C THR D 98 -0.08 -14.76 28.98
N MET D 99 -0.60 -13.63 29.47
CA MET D 99 0.02 -12.94 30.60
C MET D 99 0.15 -13.86 31.81
N ASN D 100 -0.85 -14.69 32.05
CA ASN D 100 -0.84 -15.55 33.22
C ASN D 100 -0.07 -16.83 32.98
N PHE D 101 0.09 -17.21 31.71
CA PHE D 101 0.79 -18.45 31.38
C PHE D 101 2.29 -18.31 31.49
N ILE D 102 2.84 -17.20 30.98
CA ILE D 102 4.29 -17.06 30.88
C ILE D 102 4.90 -16.83 32.26
N LYS D 103 6.17 -17.19 32.38
CA LYS D 103 6.87 -17.08 33.66
C LYS D 103 7.14 -15.63 34.11
N PRO D 104 7.52 -14.70 33.24
CA PRO D 104 7.76 -13.34 33.72
C PRO D 104 6.51 -12.69 34.31
N ASP D 105 6.67 -11.94 35.39
CA ASP D 105 5.63 -11.02 35.81
C ASP D 105 5.33 -10.03 34.69
N VAL D 106 4.05 -9.78 34.46
CA VAL D 106 3.65 -8.77 33.48
C VAL D 106 3.16 -7.56 34.28
N SER D 107 4.00 -6.54 34.35
CA SER D 107 3.58 -5.26 34.88
C SER D 107 2.72 -4.55 33.84
N THR D 108 1.69 -3.82 34.30
CA THR D 108 0.87 -3.06 33.37
C THR D 108 0.91 -1.58 33.75
N LEU D 109 0.72 -0.76 32.73
CA LEU D 109 0.66 0.68 32.91
C LEU D 109 -0.46 1.22 32.03
N CYS D 110 -1.35 2.01 32.62
CA CYS D 110 -2.36 2.74 31.86
C CYS D 110 -1.78 4.09 31.46
N LEU D 111 -1.77 4.37 30.15
CA LEU D 111 -1.41 5.69 29.66
C LEU D 111 -2.47 6.12 28.68
N GLY D 112 -2.97 7.35 28.84
CA GLY D 112 -4.11 7.78 28.05
C GLY D 112 -5.38 7.21 28.64
N GLN D 113 -5.72 5.98 28.26
CA GLN D 113 -6.91 5.35 28.84
C GLN D 113 -6.82 3.84 28.70
N ALA D 114 -7.53 3.15 29.61
CA ALA D 114 -7.72 1.72 29.53
C ALA D 114 -9.21 1.49 29.77
N ALA D 115 -9.94 1.22 28.71
CA ALA D 115 -11.39 1.11 28.80
C ALA D 115 -11.79 -0.28 28.34
N SER D 116 -12.82 -0.82 28.97
CA SER D 116 -13.42 -2.08 28.53
C SER D 116 -12.36 -3.17 28.59
N MET D 117 -12.11 -3.93 27.52
CA MET D 117 -11.09 -4.97 27.61
C MET D 117 -9.70 -4.39 27.87
N GLY D 118 -9.49 -3.11 27.57
CA GLY D 118 -8.26 -2.45 28.00
C GLY D 118 -8.13 -2.36 29.51
N ALA D 119 -9.24 -2.03 30.19
CA ALA D 119 -9.22 -2.01 31.64
C ALA D 119 -9.06 -3.42 32.20
N PHE D 120 -9.69 -4.40 31.56
CA PHE D 120 -9.59 -5.78 32.02
C PHE D 120 -8.13 -6.23 32.03
N LEU D 121 -7.41 -5.92 30.94
CA LEU D 121 -6.02 -6.33 30.87
C LEU D 121 -5.15 -5.52 31.82
N LEU D 122 -5.46 -4.23 31.99
CA LEU D 122 -4.73 -3.43 32.97
C LEU D 122 -4.81 -4.07 34.35
N SER D 123 -6.05 -4.38 34.79
CA SER D 123 -6.29 -4.99 36.09
C SER D 123 -5.68 -6.38 36.22
N ALA D 124 -5.34 -7.01 35.09
CA ALA D 124 -4.81 -8.38 35.08
C ALA D 124 -3.31 -8.45 35.31
N GLY D 125 -2.61 -7.32 35.37
CA GLY D 125 -1.17 -7.34 35.60
C GLY D 125 -0.83 -7.93 36.96
N GLU D 126 0.43 -8.37 37.08
CA GLU D 126 0.92 -8.93 38.32
C GLU D 126 0.57 -8.01 39.49
N LYS D 127 -0.09 -8.56 40.50
CA LYS D 127 -0.53 -7.72 41.61
C LYS D 127 0.68 -7.08 42.31
N GLY D 128 0.55 -5.80 42.63
CA GLY D 128 1.66 -4.98 43.07
C GLY D 128 2.41 -4.26 41.97
N LYS D 129 2.18 -4.63 40.70
CA LYS D 129 2.90 -4.08 39.56
C LYS D 129 1.93 -3.53 38.50
N ARG D 130 0.74 -3.10 38.93
CA ARG D 130 -0.25 -2.49 38.05
C ARG D 130 -0.26 -1.00 38.35
N PHE D 131 -0.04 -0.18 37.31
CA PHE D 131 0.18 1.26 37.47
C PHE D 131 -0.66 2.05 36.49
N ALA D 132 -0.85 3.33 36.82
CA ALA D 132 -1.45 4.28 35.89
C ALA D 132 -0.69 5.59 35.98
N LEU D 133 -0.60 6.28 34.84
CA LEU D 133 -0.09 7.64 34.85
C LEU D 133 -1.17 8.58 35.43
N PRO D 134 -0.77 9.76 35.92
CA PRO D 134 -1.69 10.54 36.78
C PRO D 134 -2.94 11.05 36.09
N ASN D 135 -2.91 11.29 34.78
CA ASN D 135 -4.06 11.85 34.08
C ASN D 135 -4.65 10.86 33.08
N SER D 136 -4.38 9.58 33.26
CA SER D 136 -5.03 8.55 32.48
C SER D 136 -6.41 8.26 33.07
N ARG D 137 -7.24 7.58 32.30
CA ARG D 137 -8.55 7.22 32.80
C ARG D 137 -8.81 5.75 32.51
N ILE D 138 -9.68 5.19 33.34
CA ILE D 138 -10.08 3.80 33.25
C ILE D 138 -11.60 3.83 33.08
N MET D 139 -12.12 2.87 32.33
CA MET D 139 -13.56 2.74 32.20
C MET D 139 -13.91 1.27 32.11
N ILE D 140 -14.95 0.87 32.83
CA ILE D 140 -15.43 -0.50 32.82
C ILE D 140 -16.92 -0.50 32.53
N HIS D 141 -17.36 -1.55 31.84
CA HIS D 141 -18.76 -1.67 31.51
C HIS D 141 -19.05 -3.13 31.17
N GLN D 142 -20.33 -3.44 31.06
CA GLN D 142 -20.75 -4.79 30.71
C GLN D 142 -20.56 -5.00 29.21
N PRO D 143 -20.63 -6.24 28.75
CA PRO D 143 -20.48 -6.48 27.31
C PRO D 143 -21.48 -5.72 26.44
N LEU D 144 -21.01 -5.32 25.26
CA LEU D 144 -21.77 -4.52 24.30
C LEU D 144 -21.57 -5.11 22.90
N ILE D 145 -22.66 -5.34 22.17
CA ILE D 145 -22.61 -5.83 20.81
C ILE D 145 -23.13 -4.73 19.89
N SER D 146 -22.33 -4.34 18.91
CA SER D 146 -22.79 -3.34 17.93
C SER D 146 -23.44 -4.02 16.72
N GLY D 150 -29.37 -10.99 14.68
CA GLY D 150 -29.95 -11.62 13.51
C GLY D 150 -29.99 -13.14 13.54
N GLY D 151 -30.97 -13.73 12.87
CA GLY D 151 -31.14 -15.16 12.85
C GLY D 151 -32.49 -15.56 13.45
N GLN D 152 -32.68 -16.88 13.53
CA GLN D 152 -33.87 -17.41 14.16
C GLN D 152 -33.85 -17.18 15.67
N ALA D 153 -35.02 -17.25 16.29
CA ALA D 153 -35.09 -17.11 17.74
C ALA D 153 -34.17 -18.11 18.44
N SER D 154 -34.07 -19.34 17.90
CA SER D 154 -33.20 -20.34 18.51
C SER D 154 -31.75 -19.86 18.55
N ASP D 155 -31.29 -19.24 17.47
CA ASP D 155 -29.92 -18.78 17.39
C ASP D 155 -29.70 -17.55 18.25
N ILE D 156 -30.67 -16.64 18.26
CA ILE D 156 -30.52 -15.46 19.10
C ILE D 156 -30.47 -15.87 20.57
N GLU D 157 -31.31 -16.84 20.95
CA GLU D 157 -31.24 -17.43 22.28
C GLU D 157 -29.82 -17.91 22.60
N ILE D 158 -29.21 -18.63 21.66
CA ILE D 158 -27.88 -19.22 21.91
C ILE D 158 -26.84 -18.12 22.14
N HIS D 159 -26.80 -17.13 21.24
CA HIS D 159 -25.80 -16.07 21.35
C HIS D 159 -26.08 -15.13 22.53
N ALA D 160 -27.35 -14.87 22.84
CA ALA D 160 -27.67 -14.10 24.04
C ALA D 160 -27.15 -14.80 25.29
N ARG D 161 -27.31 -16.12 25.35
CA ARG D 161 -26.84 -16.85 26.51
C ARG D 161 -25.30 -16.84 26.59
N GLU D 162 -24.63 -16.97 25.43
CA GLU D 162 -23.17 -16.91 25.44
C GLU D 162 -22.70 -15.53 25.91
N LEU D 163 -23.41 -14.48 25.50
CA LEU D 163 -23.01 -13.13 25.91
C LEU D 163 -23.20 -12.94 27.40
N LEU D 164 -24.24 -13.55 27.98
CA LEU D 164 -24.46 -13.43 29.41
C LEU D 164 -23.45 -14.27 30.20
N LYS D 165 -23.01 -15.41 29.65
CA LYS D 165 -21.91 -16.11 30.28
C LYS D 165 -20.65 -15.24 30.30
N ILE D 166 -20.38 -14.56 29.19
CA ILE D 166 -19.22 -13.69 29.07
C ILE D 166 -19.31 -12.55 30.08
N LYS D 167 -20.49 -11.93 30.18
CA LYS D 167 -20.71 -10.87 31.15
C LYS D 167 -20.40 -11.34 32.56
N GLU D 168 -20.85 -12.55 32.90
CA GLU D 168 -20.64 -13.05 34.26
C GLU D 168 -19.19 -13.46 34.47
N LYS D 169 -18.55 -14.02 33.44
CA LYS D 169 -17.14 -14.38 33.52
C LYS D 169 -16.27 -13.15 33.72
N LEU D 170 -16.53 -12.08 32.96
CA LEU D 170 -15.76 -10.85 33.11
C LEU D 170 -15.98 -10.20 34.49
N ASN D 171 -17.22 -10.22 35.00
CA ASN D 171 -17.44 -9.64 36.33
C ASN D 171 -16.70 -10.44 37.40
N ARG D 172 -16.80 -11.77 37.32
CA ARG D 172 -16.13 -12.64 38.30
C ARG D 172 -14.62 -12.47 38.25
N LEU D 173 -14.03 -12.50 37.04
CA LEU D 173 -12.58 -12.36 36.93
C LEU D 173 -12.13 -10.97 37.38
N MET D 174 -12.85 -9.92 36.98
CA MET D 174 -12.48 -8.58 37.41
C MET D 174 -12.62 -8.40 38.92
N ALA D 175 -13.68 -8.97 39.52
CA ALA D 175 -13.80 -8.95 40.98
C ALA D 175 -12.56 -9.55 41.63
N LYS D 176 -12.07 -10.68 41.09
CA LYS D 176 -10.86 -11.30 41.60
C LYS D 176 -9.67 -10.38 41.44
N HIS D 177 -9.56 -9.70 40.29
CA HIS D 177 -8.41 -8.82 40.07
C HIS D 177 -8.42 -7.66 41.04
N CYS D 178 -9.61 -7.13 41.34
CA CYS D 178 -9.74 -5.97 42.21
C CYS D 178 -9.89 -6.33 43.68
N ASP D 179 -9.88 -7.61 44.04
CA ASP D 179 -10.15 -8.05 45.40
C ASP D 179 -11.46 -7.45 45.92
N ARG D 180 -12.51 -7.56 45.10
CA ARG D 180 -13.84 -7.06 45.41
C ARG D 180 -14.88 -8.15 45.22
N ASP D 181 -16.10 -7.86 45.70
CA ASP D 181 -17.28 -8.70 45.47
C ASP D 181 -17.62 -8.82 44.00
N LEU D 182 -18.13 -10.00 43.63
CA LEU D 182 -18.93 -10.14 42.42
C LEU D 182 -20.08 -9.13 42.38
N ALA D 183 -20.71 -8.87 43.53
CA ALA D 183 -21.86 -7.95 43.54
C ALA D 183 -21.43 -6.51 43.24
N ASP D 184 -20.24 -6.11 43.68
CA ASP D 184 -19.73 -4.77 43.34
C ASP D 184 -19.61 -4.61 41.84
N LEU D 185 -18.89 -5.53 41.18
CA LEU D 185 -18.62 -5.40 39.76
C LEU D 185 -19.91 -5.44 38.93
N GLU D 186 -20.84 -6.31 39.31
CA GLU D 186 -22.13 -6.38 38.62
C GLU D 186 -22.81 -5.02 38.66
N ARG D 187 -22.82 -4.40 39.84
CA ARG D 187 -23.43 -3.09 40.00
C ARG D 187 -22.64 -2.02 39.25
N ASP D 188 -21.31 -2.07 39.29
CA ASP D 188 -20.48 -0.98 38.81
C ASP D 188 -20.17 -1.07 37.32
N THR D 189 -20.61 -2.11 36.61
CA THR D 189 -20.43 -2.19 35.16
C THR D 189 -21.77 -2.19 34.43
N ASP D 190 -22.89 -1.95 35.13
CA ASP D 190 -24.17 -1.98 34.44
C ASP D 190 -24.20 -0.97 33.30
N ARG D 191 -23.63 0.22 33.51
CA ARG D 191 -23.45 1.23 32.49
C ARG D 191 -22.01 1.73 32.56
N ASP D 192 -21.57 2.47 31.54
CA ASP D 192 -20.18 2.93 31.48
C ASP D 192 -19.76 3.61 32.77
N ASN D 193 -18.63 3.15 33.32
CA ASN D 193 -18.14 3.61 34.61
C ASN D 193 -16.71 4.13 34.42
N PHE D 194 -16.56 5.46 34.29
CA PHE D 194 -15.26 6.10 34.13
C PHE D 194 -14.62 6.36 35.48
N MET D 195 -13.31 6.12 35.57
CA MET D 195 -12.55 6.30 36.81
C MET D 195 -11.26 7.06 36.54
N SER D 196 -10.98 8.05 37.39
CA SER D 196 -9.65 8.64 37.42
C SER D 196 -8.66 7.59 37.94
N ALA D 197 -7.37 7.94 37.84
CA ALA D 197 -6.35 7.04 38.37
C ALA D 197 -6.55 6.79 39.86
N GLU D 198 -6.88 7.83 40.63
CA GLU D 198 -7.10 7.62 42.07
C GLU D 198 -8.31 6.74 42.32
N GLU D 199 -9.38 6.92 41.54
CA GLU D 199 -10.56 6.08 41.70
C GLU D 199 -10.25 4.63 41.33
N ALA D 200 -9.40 4.43 40.33
CA ALA D 200 -9.06 3.07 39.92
C ALA D 200 -8.24 2.38 41.02
N LYS D 201 -7.32 3.11 41.62
CA LYS D 201 -6.54 2.59 42.73
C LYS D 201 -7.46 2.24 43.90
N GLU D 202 -8.31 3.18 44.31
CA GLU D 202 -9.30 2.91 45.35
C GLU D 202 -10.11 1.68 45.02
N TYR D 203 -10.49 1.51 43.76
CA TYR D 203 -11.31 0.36 43.38
C TYR D 203 -10.54 -0.94 43.46
N GLY D 204 -9.22 -0.91 43.36
CA GLY D 204 -8.44 -2.12 43.34
C GLY D 204 -8.02 -2.57 41.96
N LEU D 205 -8.29 -1.79 40.91
CA LEU D 205 -7.92 -2.14 39.54
C LEU D 205 -6.44 -1.95 39.27
N ILE D 206 -5.80 -1.00 39.95
CA ILE D 206 -4.36 -0.79 39.86
C ILE D 206 -3.83 -0.68 41.29
N ASP D 207 -2.51 -0.73 41.41
CA ASP D 207 -1.81 -0.68 42.70
C ASP D 207 -1.28 0.71 43.04
N GLN D 208 -0.66 1.40 42.08
CA GLN D 208 -0.08 2.71 42.40
C GLN D 208 -0.25 3.63 41.20
N ILE D 209 -0.25 4.93 41.48
CA ILE D 209 -0.20 5.96 40.47
C ILE D 209 1.24 6.45 40.38
N LEU D 210 1.78 6.48 39.18
CA LEU D 210 3.16 6.90 38.96
C LEU D 210 3.16 8.27 38.29
N GLU D 211 3.60 9.30 39.02
CA GLU D 211 3.84 10.58 38.38
C GLU D 211 5.20 10.59 37.69
N ASN D 212 6.20 10.00 38.35
CA ASN D 212 7.50 9.74 37.78
C ASN D 212 8.09 8.54 38.53
N ARG D 213 9.37 8.26 38.31
CA ARG D 213 10.00 7.08 38.90
C ARG D 213 10.09 7.20 40.42
N ALA D 214 10.29 8.43 40.93
CA ALA D 214 10.30 8.61 42.38
C ALA D 214 8.96 8.30 43.02
N SER D 215 7.88 8.18 42.23
CA SER D 215 6.56 7.86 42.77
C SER D 215 6.47 6.42 43.26
N LEU D 216 7.34 5.53 42.80
CA LEU D 216 7.19 4.11 43.13
C LEU D 216 7.41 3.86 44.62
N LEU E 21 4.73 -3.06 10.42
CA LEU E 21 3.42 -3.49 10.91
C LEU E 21 3.59 -4.64 11.90
N VAL E 22 4.83 -5.09 12.03
CA VAL E 22 5.19 -6.21 12.91
C VAL E 22 6.61 -5.98 13.41
N PRO E 23 6.86 -6.05 14.73
CA PRO E 23 8.22 -5.79 15.23
C PRO E 23 9.23 -6.73 14.60
N THR E 24 10.40 -6.18 14.30
CA THR E 24 11.52 -6.90 13.71
C THR E 24 12.60 -7.08 14.78
N VAL E 25 13.09 -8.30 14.93
CA VAL E 25 13.99 -8.61 16.02
C VAL E 25 15.23 -9.34 15.50
N PHE E 36 12.94 -9.80 8.21
CA PHE E 36 12.76 -10.50 9.47
C PHE E 36 11.70 -9.80 10.34
N ASP E 37 11.24 -10.48 11.39
CA ASP E 37 10.08 -10.03 12.17
C ASP E 37 9.75 -10.98 13.31
N ILE E 38 8.77 -10.62 14.15
CA ILE E 38 8.59 -11.38 15.38
C ILE E 38 7.99 -12.75 15.08
N TYR E 39 7.16 -12.85 14.05
CA TYR E 39 6.54 -14.13 13.73
C TYR E 39 7.55 -15.09 13.12
N SER E 40 8.48 -14.57 12.31
CA SER E 40 9.59 -15.40 11.84
C SER E 40 10.46 -15.84 13.01
N ARG E 41 10.63 -14.97 14.01
CA ARG E 41 11.42 -15.30 15.18
C ARG E 41 10.79 -16.43 15.99
N LEU E 42 9.45 -16.43 16.14
CA LEU E 42 8.80 -17.51 16.87
C LEU E 42 8.72 -18.78 16.05
N LEU E 43 8.76 -18.65 14.72
CA LEU E 43 8.90 -19.81 13.86
C LEU E 43 10.21 -20.56 14.17
N LYS E 44 11.23 -19.85 14.68
CA LYS E 44 12.43 -20.54 15.14
C LYS E 44 12.12 -21.47 16.30
N GLU E 45 11.14 -21.10 17.14
CA GLU E 45 10.64 -21.95 18.20
C GLU E 45 9.61 -22.96 17.72
N ARG E 46 9.40 -23.04 16.40
CA ARG E 46 8.46 -23.97 15.78
C ARG E 46 7.00 -23.65 16.14
N ILE E 47 6.71 -22.37 16.43
CA ILE E 47 5.36 -21.91 16.67
C ILE E 47 4.79 -21.35 15.38
N VAL E 48 3.62 -21.83 14.99
CA VAL E 48 2.88 -21.36 13.82
C VAL E 48 1.53 -20.83 14.30
N PHE E 49 1.12 -19.67 13.79
CA PHE E 49 -0.13 -19.03 14.19
C PHE E 49 -1.18 -19.15 13.07
N LEU E 50 -2.44 -19.38 13.47
CA LEU E 50 -3.59 -19.13 12.63
C LEU E 50 -4.42 -18.09 13.36
N VAL E 51 -4.52 -16.89 12.78
CA VAL E 51 -5.21 -15.77 13.43
C VAL E 51 -6.25 -15.23 12.46
N GLY E 52 -7.50 -15.16 12.92
CA GLY E 52 -8.56 -14.64 12.09
C GLY E 52 -9.08 -15.66 11.10
N PRO E 53 -9.82 -15.18 10.09
CA PRO E 53 -10.54 -16.11 9.21
C PRO E 53 -9.61 -17.03 8.45
N VAL E 54 -10.06 -18.26 8.29
CA VAL E 54 -9.39 -19.25 7.44
C VAL E 54 -9.79 -18.94 6.00
N THR E 55 -8.83 -18.54 5.19
CA THR E 55 -9.02 -18.30 3.76
C THR E 55 -7.97 -19.11 3.03
N ASP E 56 -8.09 -19.19 1.69
CA ASP E 56 -7.07 -19.90 0.91
C ASP E 56 -5.68 -19.35 1.20
N GLU E 57 -5.58 -18.04 1.33
CA GLU E 57 -4.29 -17.39 1.50
C GLU E 57 -3.72 -17.59 2.92
N SER E 58 -4.55 -17.44 3.95
CA SER E 58 -4.05 -17.63 5.30
C SER E 58 -3.78 -19.09 5.58
N ALA E 59 -4.56 -19.98 4.96
CA ALA E 59 -4.38 -21.40 5.19
C ALA E 59 -3.16 -21.91 4.46
N ASN E 60 -2.89 -21.40 3.25
CA ASN E 60 -1.68 -21.83 2.57
C ASN E 60 -0.42 -21.34 3.28
N LEU E 61 -0.48 -20.17 3.90
CA LEU E 61 0.64 -19.69 4.70
C LEU E 61 0.92 -20.63 5.87
N VAL E 62 -0.13 -21.15 6.52
CA VAL E 62 0.04 -22.14 7.57
C VAL E 62 0.63 -23.44 6.98
N VAL E 63 0.10 -23.89 5.84
CA VAL E 63 0.66 -25.07 5.15
C VAL E 63 2.13 -24.86 4.86
N ALA E 64 2.51 -23.68 4.34
CA ALA E 64 3.91 -23.44 4.00
C ALA E 64 4.81 -23.52 5.24
N GLN E 65 4.35 -22.97 6.37
CA GLN E 65 5.18 -22.99 7.58
C GLN E 65 5.35 -24.41 8.12
N LEU E 66 4.29 -25.24 8.01
CA LEU E 66 4.39 -26.63 8.46
C LEU E 66 5.41 -27.41 7.63
N LEU E 67 5.33 -27.26 6.31
CA LEU E 67 6.29 -27.91 5.42
C LEU E 67 7.71 -27.43 5.70
N PHE E 68 7.87 -26.12 5.91
CA PHE E 68 9.18 -25.54 6.23
C PHE E 68 9.75 -26.13 7.51
N LEU E 69 8.91 -26.22 8.55
CA LEU E 69 9.39 -26.74 9.82
C LEU E 69 9.70 -28.23 9.71
N GLU E 70 8.89 -28.99 8.94
CA GLU E 70 9.24 -30.38 8.68
C GLU E 70 10.60 -30.48 8.01
N SER E 71 10.85 -29.62 7.03
CA SER E 71 12.13 -29.63 6.33
C SER E 71 13.29 -29.33 7.28
N GLU E 72 13.09 -28.38 8.19
CA GLU E 72 14.17 -27.93 9.08
C GLU E 72 14.50 -28.99 10.12
N ASN E 73 13.47 -29.65 10.67
CA ASN E 73 13.67 -30.74 11.61
C ASN E 73 12.43 -31.60 11.68
N PRO E 74 12.39 -32.74 10.99
CA PRO E 74 11.20 -33.59 11.04
C PRO E 74 11.03 -34.32 12.36
N ASP E 75 11.99 -34.21 13.28
CA ASP E 75 11.96 -34.97 14.52
C ASP E 75 11.47 -34.14 15.71
N LYS E 76 10.96 -32.93 15.48
CA LYS E 76 10.44 -32.09 16.55
C LYS E 76 8.97 -31.73 16.32
N ASP E 77 8.22 -31.61 17.42
CA ASP E 77 6.83 -31.17 17.35
C ASP E 77 6.72 -29.77 16.76
N ILE E 78 5.56 -29.49 16.15
CA ILE E 78 5.15 -28.14 15.79
C ILE E 78 4.04 -27.69 16.74
N PHE E 79 4.07 -26.44 17.14
CA PHE E 79 3.09 -25.86 18.05
C PHE E 79 2.22 -24.90 17.25
N PHE E 80 0.98 -25.31 16.97
CA PHE E 80 0.05 -24.60 16.09
C PHE E 80 -0.95 -23.84 16.97
N TYR E 81 -0.75 -22.51 17.08
CA TYR E 81 -1.56 -21.67 17.96
C TYR E 81 -2.73 -21.08 17.16
N ILE E 82 -3.96 -21.32 17.62
CA ILE E 82 -5.16 -21.01 16.86
C ILE E 82 -5.97 -19.96 17.63
N ASN E 83 -6.22 -18.83 17.00
CA ASN E 83 -7.23 -17.86 17.43
C ASN E 83 -7.99 -17.48 16.17
N SER E 84 -9.09 -18.19 15.91
CA SER E 84 -9.75 -18.05 14.64
C SER E 84 -11.24 -18.23 14.79
N PRO E 85 -12.05 -17.45 14.07
CA PRO E 85 -13.50 -17.67 14.03
C PRO E 85 -13.97 -18.69 13.00
N GLY E 86 -13.08 -19.28 12.22
CA GLY E 86 -13.45 -20.19 11.16
C GLY E 86 -13.18 -19.57 9.80
N GLY E 87 -13.82 -20.12 8.80
CA GLY E 87 -13.51 -19.67 7.45
C GLY E 87 -13.83 -20.77 6.45
N SER E 88 -13.09 -20.81 5.36
CA SER E 88 -13.39 -21.76 4.28
C SER E 88 -13.11 -23.21 4.68
N VAL E 89 -14.08 -24.11 4.41
CA VAL E 89 -13.90 -25.55 4.66
C VAL E 89 -12.70 -26.09 3.87
N THR E 90 -12.67 -25.83 2.55
CA THR E 90 -11.60 -26.39 1.73
C THR E 90 -10.24 -25.82 2.13
N ALA E 91 -10.18 -24.52 2.45
CA ALA E 91 -8.94 -23.98 2.97
C ALA E 91 -8.54 -24.67 4.27
N GLY E 92 -9.48 -24.86 5.18
CA GLY E 92 -9.19 -25.61 6.40
C GLY E 92 -8.70 -27.02 6.11
N MET E 93 -9.31 -27.70 5.14
CA MET E 93 -8.87 -29.05 4.82
C MET E 93 -7.44 -29.08 4.30
N SER E 94 -6.97 -27.99 3.67
CA SER E 94 -5.58 -28.01 3.20
C SER E 94 -4.62 -28.06 4.39
N ILE E 95 -4.97 -27.38 5.48
CA ILE E 95 -4.18 -27.44 6.71
C ILE E 95 -4.31 -28.83 7.35
N TYR E 96 -5.55 -29.29 7.53
CA TYR E 96 -5.83 -30.56 8.18
C TYR E 96 -5.04 -31.72 7.57
N ASP E 97 -5.16 -31.90 6.26
CA ASP E 97 -4.42 -33.00 5.61
C ASP E 97 -2.92 -32.77 5.67
N THR E 98 -2.47 -31.51 5.74
CA THR E 98 -1.03 -31.27 5.85
C THR E 98 -0.54 -31.63 7.25
N MET E 99 -1.30 -31.25 8.29
CA MET E 99 -1.00 -31.66 9.66
C MET E 99 -0.82 -33.16 9.77
N ASN E 100 -1.70 -33.92 9.10
CA ASN E 100 -1.66 -35.39 9.17
C ASN E 100 -0.61 -35.99 8.24
N PHE E 101 -0.20 -35.28 7.19
CA PHE E 101 0.78 -35.79 6.25
C PHE E 101 2.20 -35.73 6.80
N ILE E 102 2.58 -34.60 7.42
CA ILE E 102 3.97 -34.39 7.78
C ILE E 102 4.35 -35.31 8.95
N LYS E 103 5.65 -35.55 9.08
CA LYS E 103 6.14 -36.42 10.14
C LYS E 103 6.00 -35.79 11.52
N PRO E 104 6.33 -34.51 11.72
CA PRO E 104 6.20 -33.91 13.05
C PRO E 104 4.78 -33.97 13.60
N ASP E 105 4.68 -34.23 14.91
CA ASP E 105 3.41 -34.07 15.59
C ASP E 105 3.02 -32.59 15.57
N VAL E 106 1.78 -32.30 15.22
CA VAL E 106 1.31 -30.91 15.31
C VAL E 106 0.48 -30.80 16.58
N SER E 107 1.09 -30.26 17.64
CA SER E 107 0.36 -29.88 18.83
C SER E 107 -0.46 -28.61 18.55
N THR E 108 -1.68 -28.55 19.08
CA THR E 108 -2.53 -27.39 18.88
C THR E 108 -2.83 -26.73 20.22
N LEU E 109 -3.00 -25.40 20.20
CA LEU E 109 -3.34 -24.61 21.38
C LEU E 109 -4.42 -23.61 21.00
N CYS E 110 -5.55 -23.65 21.70
CA CYS E 110 -6.60 -22.65 21.53
C CYS E 110 -6.27 -21.45 22.42
N LEU E 111 -6.07 -20.30 21.80
CA LEU E 111 -5.99 -19.07 22.57
C LEU E 111 -7.01 -18.06 22.03
N GLY E 112 -7.72 -17.43 22.94
CA GLY E 112 -8.86 -16.61 22.56
C GLY E 112 -10.02 -17.49 22.19
N GLN E 113 -10.09 -17.92 20.92
CA GLN E 113 -11.17 -18.81 20.54
C GLN E 113 -10.75 -19.66 19.34
N ALA E 114 -11.39 -20.81 19.23
CA ALA E 114 -11.32 -21.66 18.05
C ALA E 114 -12.76 -22.05 17.74
N ALA E 115 -13.34 -21.39 16.72
CA ALA E 115 -14.72 -21.61 16.31
C ALA E 115 -14.74 -22.15 14.89
N SER E 116 -15.70 -23.04 14.62
CA SER E 116 -15.92 -23.47 13.25
C SER E 116 -14.69 -24.24 12.77
N MET E 117 -14.18 -23.96 11.56
CA MET E 117 -12.99 -24.67 11.10
C MET E 117 -11.81 -24.50 12.06
N GLY E 118 -11.80 -23.41 12.84
CA GLY E 118 -10.77 -23.27 13.86
C GLY E 118 -10.83 -24.37 14.90
N ALA E 119 -12.04 -24.68 15.37
CA ALA E 119 -12.24 -25.76 16.33
C ALA E 119 -11.96 -27.12 15.68
N PHE E 120 -12.31 -27.27 14.41
CA PHE E 120 -11.95 -28.47 13.68
C PHE E 120 -10.44 -28.69 13.72
N LEU E 121 -9.66 -27.66 13.38
CA LEU E 121 -8.21 -27.81 13.35
C LEU E 121 -7.64 -28.02 14.74
N LEU E 122 -8.20 -27.33 15.74
CA LEU E 122 -7.79 -27.53 17.12
C LEU E 122 -7.96 -28.99 17.53
N SER E 123 -9.14 -29.55 17.23
CA SER E 123 -9.43 -30.94 17.53
C SER E 123 -8.62 -31.92 16.70
N ALA E 124 -7.97 -31.44 15.64
CA ALA E 124 -7.19 -32.31 14.77
C ALA E 124 -5.75 -32.50 15.21
N GLY E 125 -5.28 -31.73 16.20
CA GLY E 125 -3.91 -31.89 16.66
C GLY E 125 -3.63 -33.31 17.13
N GLU E 126 -2.33 -33.64 17.15
CA GLU E 126 -1.88 -34.95 17.60
C GLU E 126 -2.51 -35.27 18.94
N LYS E 127 -3.15 -36.44 19.04
CA LYS E 127 -3.91 -36.74 20.25
C LYS E 127 -2.96 -36.84 21.44
N GLY E 128 -3.39 -36.26 22.55
CA GLY E 128 -2.53 -36.06 23.69
C GLY E 128 -1.83 -34.72 23.71
N LYS E 129 -1.80 -34.00 22.58
CA LYS E 129 -1.08 -32.74 22.49
C LYS E 129 -2.00 -31.58 22.07
N ARG E 130 -3.28 -31.67 22.38
CA ARG E 130 -4.25 -30.63 22.05
C ARG E 130 -4.62 -29.90 23.33
N PHE E 131 -4.46 -28.58 23.32
CA PHE E 131 -4.45 -27.77 24.53
C PHE E 131 -5.34 -26.55 24.35
N ALA E 132 -5.81 -26.01 25.48
CA ALA E 132 -6.54 -24.75 25.52
C ALA E 132 -6.07 -23.96 26.74
N LEU E 133 -5.98 -22.64 26.59
CA LEU E 133 -5.74 -21.76 27.72
C LEU E 133 -7.04 -21.63 28.50
N PRO E 134 -6.97 -21.30 29.80
CA PRO E 134 -8.16 -21.50 30.65
C PRO E 134 -9.39 -20.71 30.22
N ASN E 135 -9.23 -19.54 29.62
CA ASN E 135 -10.37 -18.69 29.29
C ASN E 135 -10.66 -18.64 27.80
N SER E 136 -10.02 -19.50 27.01
CA SER E 136 -10.38 -19.59 25.61
C SER E 136 -11.75 -20.25 25.48
N ARG E 137 -12.36 -20.13 24.31
CA ARG E 137 -13.61 -20.83 24.07
C ARG E 137 -13.55 -21.51 22.71
N ILE E 138 -14.33 -22.58 22.59
CA ILE E 138 -14.44 -23.37 21.38
C ILE E 138 -15.89 -23.28 20.93
N MET E 139 -16.14 -23.25 19.63
CA MET E 139 -17.51 -23.29 19.12
C MET E 139 -17.54 -24.22 17.92
N ILE E 140 -18.53 -25.10 17.88
CA ILE E 140 -18.68 -26.01 16.76
C ILE E 140 -20.09 -25.87 16.19
N HIS E 141 -20.21 -26.03 14.88
CA HIS E 141 -21.52 -25.96 14.24
C HIS E 141 -21.46 -26.59 12.86
N GLN E 142 -22.65 -26.75 12.27
CA GLN E 142 -22.78 -27.29 10.94
C GLN E 142 -22.39 -26.25 9.91
N PRO E 143 -22.10 -26.66 8.67
CA PRO E 143 -21.70 -25.70 7.65
C PRO E 143 -22.77 -24.64 7.38
N LEU E 144 -22.32 -23.51 6.88
CA LEU E 144 -23.07 -22.27 6.79
C LEU E 144 -22.54 -21.47 5.62
N ILE E 145 -23.41 -21.09 4.69
CA ILE E 145 -23.01 -20.26 3.56
C ILE E 145 -23.78 -18.94 3.61
N SER E 146 -23.14 -17.87 3.14
CA SER E 146 -23.77 -16.55 3.22
C SER E 146 -24.53 -16.17 1.95
N GLY E 151 -28.52 -19.99 -9.09
CA GLY E 151 -28.72 -20.46 -10.45
C GLY E 151 -29.96 -21.30 -10.74
N GLN E 152 -29.85 -22.21 -11.70
CA GLN E 152 -30.94 -23.14 -12.00
C GLN E 152 -31.16 -24.14 -10.86
N ALA E 153 -32.40 -24.65 -10.77
CA ALA E 153 -32.69 -25.69 -9.78
C ALA E 153 -31.71 -26.87 -9.86
N SER E 154 -31.35 -27.31 -11.07
CA SER E 154 -30.34 -28.36 -11.19
C SER E 154 -29.06 -27.96 -10.47
N ASP E 155 -28.59 -26.74 -10.70
CA ASP E 155 -27.35 -26.28 -10.06
C ASP E 155 -27.53 -26.14 -8.55
N ILE E 156 -28.69 -25.66 -8.10
CA ILE E 156 -28.94 -25.57 -6.66
C ILE E 156 -28.89 -26.95 -6.03
N GLU E 157 -29.54 -27.93 -6.67
CA GLU E 157 -29.51 -29.28 -6.12
C GLU E 157 -28.09 -29.78 -5.97
N ILE E 158 -27.25 -29.52 -6.98
CA ILE E 158 -25.88 -30.01 -6.98
C ILE E 158 -25.08 -29.40 -5.84
N HIS E 159 -25.20 -28.07 -5.65
CA HIS E 159 -24.42 -27.40 -4.64
C HIS E 159 -24.96 -27.68 -3.24
N ALA E 160 -26.26 -27.93 -3.13
CA ALA E 160 -26.84 -28.31 -1.84
C ALA E 160 -26.42 -29.72 -1.43
N ARG E 161 -26.39 -30.65 -2.40
CA ARG E 161 -25.87 -31.99 -2.13
C ARG E 161 -24.40 -31.95 -1.68
N GLU E 162 -23.59 -31.13 -2.35
CA GLU E 162 -22.19 -31.01 -1.96
C GLU E 162 -22.05 -30.43 -0.54
N LEU E 163 -22.89 -29.45 -0.19
CA LEU E 163 -22.84 -28.89 1.16
C LEU E 163 -23.22 -29.94 2.20
N LEU E 164 -24.18 -30.81 1.88
CA LEU E 164 -24.55 -31.83 2.86
C LEU E 164 -23.47 -32.90 2.98
N LYS E 165 -22.78 -33.24 1.88
CA LYS E 165 -21.61 -34.11 2.00
C LYS E 165 -20.56 -33.49 2.91
N ILE E 166 -20.30 -32.19 2.75
CA ILE E 166 -19.33 -31.54 3.62
C ILE E 166 -19.79 -31.60 5.06
N LYS E 167 -21.08 -31.33 5.30
CA LYS E 167 -21.62 -31.44 6.64
C LYS E 167 -21.40 -32.83 7.22
N GLU E 168 -21.69 -33.87 6.44
CA GLU E 168 -21.57 -35.23 6.97
C GLU E 168 -20.11 -35.62 7.21
N LYS E 169 -19.23 -35.23 6.28
CA LYS E 169 -17.81 -35.51 6.43
C LYS E 169 -17.23 -34.84 7.66
N LEU E 170 -17.61 -33.58 7.92
CA LEU E 170 -17.08 -32.89 9.09
C LEU E 170 -17.60 -33.51 10.39
N ASN E 171 -18.86 -33.95 10.42
CA ASN E 171 -19.36 -34.56 11.64
C ASN E 171 -18.65 -35.88 11.93
N ARG E 172 -18.42 -36.68 10.88
CA ARG E 172 -17.71 -37.95 11.05
C ARG E 172 -16.26 -37.73 11.49
N LEU E 173 -15.55 -36.83 10.81
CA LEU E 173 -14.17 -36.56 11.17
C LEU E 173 -14.07 -35.99 12.58
N MET E 174 -15.03 -35.15 12.98
CA MET E 174 -15.02 -34.59 14.32
C MET E 174 -15.33 -35.65 15.37
N ALA E 175 -16.26 -36.55 15.07
CA ALA E 175 -16.53 -37.65 15.99
C ALA E 175 -15.27 -38.46 16.23
N LYS E 176 -14.51 -38.73 15.16
CA LYS E 176 -13.25 -39.45 15.28
C LYS E 176 -12.26 -38.70 16.18
N HIS E 177 -12.09 -37.39 15.96
CA HIS E 177 -11.18 -36.63 16.81
C HIS E 177 -11.63 -36.63 18.26
N CYS E 178 -12.95 -36.63 18.49
CA CYS E 178 -13.48 -36.54 19.84
C CYS E 178 -13.69 -37.89 20.49
N ASP E 179 -13.42 -38.99 19.78
CA ASP E 179 -13.73 -40.32 20.27
C ASP E 179 -15.19 -40.39 20.71
N ARG E 180 -16.09 -39.87 19.87
CA ARG E 180 -17.52 -39.87 20.14
C ARG E 180 -18.28 -40.52 19.00
N ASP E 181 -19.51 -40.92 19.32
CA ASP E 181 -20.41 -41.42 18.30
C ASP E 181 -20.82 -40.30 17.35
N LEU E 182 -20.99 -40.66 16.09
CA LEU E 182 -21.40 -39.72 15.05
C LEU E 182 -22.69 -39.01 15.42
N ALA E 183 -23.65 -39.73 16.02
CA ALA E 183 -24.93 -39.11 16.35
C ALA E 183 -24.76 -37.98 17.35
N ASP E 184 -23.80 -38.10 18.28
CA ASP E 184 -23.49 -37.00 19.18
C ASP E 184 -23.13 -35.72 18.40
N LEU E 185 -22.21 -35.85 17.45
CA LEU E 185 -21.78 -34.69 16.69
C LEU E 185 -22.93 -34.11 15.87
N GLU E 186 -23.70 -34.98 15.21
CA GLU E 186 -24.86 -34.51 14.44
C GLU E 186 -25.79 -33.68 15.31
N ARG E 187 -26.05 -34.13 16.55
CA ARG E 187 -26.91 -33.39 17.46
C ARG E 187 -26.25 -32.10 17.93
N ASP E 188 -24.96 -32.15 18.26
CA ASP E 188 -24.32 -31.06 18.96
C ASP E 188 -23.81 -29.97 18.04
N THR E 189 -23.92 -30.13 16.72
CA THR E 189 -23.54 -29.09 15.78
C THR E 189 -24.72 -28.52 15.01
N ASP E 190 -25.96 -28.87 15.39
CA ASP E 190 -27.12 -28.40 14.63
C ASP E 190 -27.24 -26.88 14.65
N ARG E 191 -26.92 -26.26 15.77
CA ARG E 191 -26.75 -24.82 15.88
C ARG E 191 -25.45 -24.54 16.63
N ASP E 192 -25.06 -23.26 16.69
CA ASP E 192 -23.78 -22.89 17.32
C ASP E 192 -23.70 -23.43 18.74
N ASN E 193 -22.61 -24.15 19.01
CA ASN E 193 -22.42 -24.87 20.26
C ASN E 193 -21.16 -24.30 20.90
N PHE E 194 -21.33 -23.39 21.85
CA PHE E 194 -20.21 -22.74 22.52
C PHE E 194 -19.78 -23.59 23.71
N MET E 195 -18.48 -23.79 23.86
CA MET E 195 -17.91 -24.61 24.92
C MET E 195 -16.75 -23.87 25.59
N SER E 196 -16.74 -23.92 26.93
CA SER E 196 -15.57 -23.49 27.68
C SER E 196 -14.42 -24.48 27.46
N ALA E 197 -13.25 -24.15 27.98
CA ALA E 197 -12.12 -25.07 27.84
C ALA E 197 -12.41 -26.40 28.54
N GLU E 198 -13.00 -26.35 29.75
CA GLU E 198 -13.38 -27.57 30.46
C GLU E 198 -14.42 -28.37 29.69
N GLU E 199 -15.45 -27.69 29.16
CA GLU E 199 -16.44 -28.40 28.35
C GLU E 199 -15.80 -29.02 27.11
N ALA E 200 -14.86 -28.32 26.47
CA ALA E 200 -14.19 -28.90 25.31
C ALA E 200 -13.37 -30.13 25.69
N LYS E 201 -12.68 -30.08 26.83
CA LYS E 201 -11.93 -31.25 27.30
C LYS E 201 -12.87 -32.43 27.56
N GLU E 202 -13.99 -32.18 28.24
CA GLU E 202 -14.95 -33.25 28.48
C GLU E 202 -15.52 -33.80 27.18
N TYR E 203 -15.78 -32.93 26.20
CA TYR E 203 -16.34 -33.41 24.94
C TYR E 203 -15.36 -34.29 24.16
N GLY E 204 -14.07 -34.14 24.40
CA GLY E 204 -13.05 -34.81 23.60
C GLY E 204 -12.32 -33.95 22.58
N LEU E 205 -12.58 -32.64 22.56
CA LEU E 205 -11.97 -31.81 21.54
C LEU E 205 -10.52 -31.49 21.86
N ILE E 206 -10.18 -31.40 23.14
CA ILE E 206 -8.83 -31.14 23.58
C ILE E 206 -8.47 -32.15 24.65
N ASP E 207 -7.19 -32.22 24.95
CA ASP E 207 -6.69 -33.17 25.94
C ASP E 207 -6.42 -32.51 27.30
N GLN E 208 -5.95 -31.27 27.34
CA GLN E 208 -5.59 -30.63 28.60
C GLN E 208 -5.77 -29.12 28.51
N ILE E 209 -6.12 -28.53 29.64
CA ILE E 209 -6.13 -27.09 29.83
C ILE E 209 -4.80 -26.70 30.51
N LEU E 210 -4.12 -25.71 29.95
CA LEU E 210 -2.82 -25.28 30.47
C LEU E 210 -2.93 -23.89 31.07
N GLU E 211 -2.56 -23.76 32.34
CA GLU E 211 -2.66 -22.50 33.06
C GLU E 211 -1.34 -21.72 33.09
N ASN E 212 -0.24 -22.36 33.45
CA ASN E 212 1.05 -21.67 33.35
C ASN E 212 2.15 -22.65 32.94
N ARG E 213 3.30 -22.06 32.61
CA ARG E 213 4.44 -22.77 32.03
C ARG E 213 5.00 -23.82 32.97
N ALA E 214 4.46 -23.91 34.19
CA ALA E 214 4.90 -24.92 35.16
C ALA E 214 3.77 -25.33 36.10
N VAL F 22 3.85 -12.72 4.99
CA VAL F 22 4.77 -13.73 4.49
C VAL F 22 6.02 -13.77 5.37
N PRO F 23 6.11 -14.78 6.24
CA PRO F 23 7.31 -14.95 7.08
C PRO F 23 8.59 -14.93 6.24
N THR F 24 9.67 -14.47 6.87
CA THR F 24 10.99 -14.33 6.23
C THR F 24 12.03 -15.01 7.11
N VAL F 25 12.37 -16.25 6.77
CA VAL F 25 13.40 -16.97 7.49
C VAL F 25 14.57 -17.29 6.57
N PHE F 36 14.60 -16.58 1.38
CA PHE F 36 14.33 -15.50 2.32
C PHE F 36 12.91 -15.59 2.89
N ASP F 37 11.90 -15.29 2.07
CA ASP F 37 10.54 -15.54 2.50
C ASP F 37 10.20 -17.03 2.38
N ILE F 38 9.07 -17.41 2.97
CA ILE F 38 8.74 -18.81 3.17
C ILE F 38 8.53 -19.53 1.83
N TYR F 39 7.93 -18.84 0.86
CA TYR F 39 7.66 -19.49 -0.42
C TYR F 39 8.95 -19.65 -1.22
N SER F 40 9.84 -18.65 -1.18
CA SER F 40 11.15 -18.79 -1.82
C SER F 40 11.93 -19.93 -1.20
N ARG F 41 11.85 -20.07 0.12
CA ARG F 41 12.48 -21.20 0.78
C ARG F 41 11.94 -22.53 0.28
N LEU F 42 10.61 -22.63 0.09
CA LEU F 42 10.04 -23.88 -0.39
C LEU F 42 10.34 -24.11 -1.86
N LEU F 43 10.55 -23.04 -2.62
CA LEU F 43 11.05 -23.18 -3.98
C LEU F 43 12.37 -23.94 -4.03
N LYS F 44 13.21 -23.80 -3.00
CA LYS F 44 14.46 -24.54 -3.00
C LYS F 44 14.22 -26.03 -2.97
N GLU F 45 13.08 -26.46 -2.45
CA GLU F 45 12.68 -27.86 -2.46
C GLU F 45 11.85 -28.22 -3.68
N ARG F 46 11.82 -27.34 -4.69
CA ARG F 46 11.12 -27.55 -5.95
C ARG F 46 9.59 -27.62 -5.78
N ILE F 47 9.06 -27.00 -4.72
CA ILE F 47 7.61 -26.87 -4.52
C ILE F 47 7.13 -25.54 -5.08
N VAL F 48 6.08 -25.60 -5.91
CA VAL F 48 5.46 -24.43 -6.53
C VAL F 48 3.98 -24.45 -6.17
N PHE F 49 3.47 -23.32 -5.66
CA PHE F 49 2.06 -23.24 -5.28
C PHE F 49 1.25 -22.49 -6.32
N LEU F 50 0.05 -22.99 -6.58
CA LEU F 50 -1.03 -22.21 -7.16
C LEU F 50 -2.12 -22.10 -6.11
N VAL F 51 -2.39 -20.88 -5.63
CA VAL F 51 -3.37 -20.66 -4.57
C VAL F 51 -4.37 -19.61 -5.04
N GLY F 52 -5.64 -19.94 -5.00
CA GLY F 52 -6.67 -19.00 -5.35
C GLY F 52 -6.85 -18.92 -6.85
N PRO F 53 -7.58 -17.91 -7.32
CA PRO F 53 -7.97 -17.89 -8.73
C PRO F 53 -6.79 -17.84 -9.70
N VAL F 54 -6.99 -18.49 -10.84
CA VAL F 54 -6.04 -18.42 -11.96
C VAL F 54 -6.31 -17.15 -12.75
N THR F 55 -5.41 -16.19 -12.62
CA THR F 55 -5.41 -14.96 -13.41
C THR F 55 -4.13 -14.95 -14.25
N ASP F 56 -4.05 -13.98 -15.16
CA ASP F 56 -2.82 -13.83 -15.93
C ASP F 56 -1.61 -13.65 -15.01
N GLU F 57 -1.78 -12.87 -13.94
CA GLU F 57 -0.67 -12.59 -13.04
C GLU F 57 -0.30 -13.80 -12.19
N SER F 58 -1.31 -14.51 -11.67
CA SER F 58 -0.99 -15.64 -10.81
C SER F 58 -0.49 -16.82 -11.64
N ALA F 59 -1.01 -16.98 -12.85
CA ALA F 59 -0.51 -18.01 -13.76
C ALA F 59 0.93 -17.76 -14.16
N ASN F 60 1.29 -16.51 -14.47
CA ASN F 60 2.63 -16.26 -14.98
C ASN F 60 3.68 -16.42 -13.88
N LEU F 61 3.34 -16.07 -12.65
CA LEU F 61 4.23 -16.34 -11.53
C LEU F 61 4.55 -17.84 -11.44
N VAL F 62 3.55 -18.69 -11.69
CA VAL F 62 3.81 -20.12 -11.72
C VAL F 62 4.73 -20.49 -12.88
N VAL F 63 4.44 -19.97 -14.08
CA VAL F 63 5.30 -20.21 -15.24
C VAL F 63 6.74 -19.82 -14.92
N ALA F 64 6.92 -18.63 -14.33
CA ALA F 64 8.25 -18.16 -13.99
C ALA F 64 8.98 -19.11 -13.04
N GLN F 65 8.26 -19.65 -12.04
CA GLN F 65 8.88 -20.57 -11.09
C GLN F 65 9.22 -21.90 -11.75
N LEU F 66 8.32 -22.39 -12.61
CA LEU F 66 8.60 -23.62 -13.36
C LEU F 66 9.86 -23.47 -14.21
N LEU F 67 10.04 -22.31 -14.86
CA LEU F 67 11.22 -22.09 -15.69
C LEU F 67 12.47 -21.94 -14.83
N PHE F 68 12.36 -21.25 -13.70
CA PHE F 68 13.48 -21.15 -12.76
C PHE F 68 13.94 -22.53 -12.28
N LEU F 69 12.99 -23.39 -11.90
CA LEU F 69 13.39 -24.71 -11.37
C LEU F 69 13.99 -25.61 -12.46
N GLU F 70 13.47 -25.51 -13.69
CA GLU F 70 14.12 -26.20 -14.81
C GLU F 70 15.54 -25.71 -15.01
N SER F 71 15.73 -24.39 -15.00
CA SER F 71 17.06 -23.82 -15.14
C SER F 71 18.00 -24.34 -14.05
N GLU F 72 17.48 -24.56 -12.84
CA GLU F 72 18.34 -24.96 -11.73
C GLU F 72 18.73 -26.43 -11.77
N ASN F 73 17.87 -27.28 -12.29
CA ASN F 73 18.16 -28.70 -12.48
C ASN F 73 17.08 -29.29 -13.38
N PRO F 74 17.39 -29.62 -14.63
CA PRO F 74 16.33 -30.01 -15.58
C PRO F 74 15.86 -31.45 -15.44
N ASP F 75 16.39 -32.22 -14.48
CA ASP F 75 16.06 -33.64 -14.37
C ASP F 75 15.30 -34.01 -13.11
N LYS F 76 15.24 -33.13 -12.10
CA LYS F 76 14.52 -33.41 -10.87
C LYS F 76 13.07 -32.99 -10.99
N ASP F 77 12.18 -33.81 -10.42
CA ASP F 77 10.75 -33.52 -10.43
C ASP F 77 10.45 -32.17 -9.79
N ILE F 78 9.37 -31.54 -10.27
CA ILE F 78 8.77 -30.35 -9.65
C ILE F 78 7.46 -30.77 -9.01
N PHE F 79 7.21 -30.27 -7.81
CA PHE F 79 5.97 -30.58 -7.09
C PHE F 79 5.07 -29.34 -7.12
N PHE F 80 3.96 -29.46 -7.85
CA PHE F 80 3.06 -28.33 -8.12
C PHE F 80 1.82 -28.52 -7.24
N TYR F 81 1.77 -27.76 -6.15
CA TYR F 81 0.67 -27.87 -5.20
C TYR F 81 -0.46 -26.91 -5.59
N ILE F 82 -1.68 -27.42 -5.69
CA ILE F 82 -2.79 -26.68 -6.26
C ILE F 82 -3.91 -26.60 -5.24
N ASN F 83 -4.26 -25.37 -4.84
CA ASN F 83 -5.47 -25.11 -4.05
C ASN F 83 -6.14 -23.92 -4.75
N SER F 84 -7.05 -24.21 -5.68
CA SER F 84 -7.61 -23.16 -6.52
C SER F 84 -9.07 -23.41 -6.89
N PRO F 85 -9.90 -22.38 -6.95
CA PRO F 85 -11.28 -22.55 -7.46
C PRO F 85 -11.42 -22.43 -8.97
N GLY F 86 -10.34 -22.16 -9.68
CA GLY F 86 -10.38 -21.97 -11.12
C GLY F 86 -10.03 -20.55 -11.52
N GLY F 87 -10.50 -20.16 -12.67
CA GLY F 87 -10.11 -18.84 -13.17
C GLY F 87 -10.03 -18.88 -14.68
N SER F 88 -9.14 -18.10 -15.25
CA SER F 88 -9.12 -17.85 -16.70
C SER F 88 -8.58 -19.05 -17.48
N VAL F 89 -9.25 -19.39 -18.59
CA VAL F 89 -8.82 -20.52 -19.43
C VAL F 89 -7.44 -20.26 -20.03
N THR F 90 -7.26 -19.11 -20.68
CA THR F 90 -5.97 -18.86 -21.35
C THR F 90 -4.83 -18.80 -20.34
N ALA F 91 -5.07 -18.21 -19.17
CA ALA F 91 -4.06 -18.20 -18.11
C ALA F 91 -3.69 -19.62 -17.68
N GLY F 92 -4.68 -20.47 -17.42
CA GLY F 92 -4.39 -21.86 -17.16
C GLY F 92 -3.66 -22.55 -18.32
N MET F 93 -3.95 -22.16 -19.56
CA MET F 93 -3.24 -22.75 -20.68
C MET F 93 -1.77 -22.35 -20.72
N SER F 94 -1.43 -21.13 -20.25
CA SER F 94 -0.02 -20.75 -20.13
C SER F 94 0.74 -21.70 -19.20
N ILE F 95 0.12 -22.07 -18.08
CA ILE F 95 0.77 -23.01 -17.16
C ILE F 95 0.85 -24.40 -17.78
N TYR F 96 -0.26 -24.86 -18.36
CA TYR F 96 -0.36 -26.20 -18.93
C TYR F 96 0.71 -26.44 -19.98
N ASP F 97 0.81 -25.53 -20.95
CA ASP F 97 1.82 -25.70 -21.99
C ASP F 97 3.22 -25.60 -21.41
N THR F 98 3.40 -24.80 -20.35
CA THR F 98 4.73 -24.71 -19.75
C THR F 98 5.09 -26.01 -19.04
N MET F 99 4.13 -26.59 -18.32
CA MET F 99 4.35 -27.91 -17.69
C MET F 99 4.78 -28.93 -18.72
N ASN F 100 4.16 -28.94 -19.91
CA ASN F 100 4.51 -29.90 -20.94
C ASN F 100 5.78 -29.54 -21.70
N PHE F 101 6.18 -28.27 -21.68
CA PHE F 101 7.34 -27.84 -22.44
C PHE F 101 8.65 -28.21 -21.73
N ILE F 102 8.68 -28.06 -20.40
CA ILE F 102 9.93 -28.16 -19.66
C ILE F 102 10.32 -29.62 -19.49
N LYS F 103 11.63 -29.83 -19.31
CA LYS F 103 12.12 -31.21 -19.15
C LYS F 103 11.65 -31.85 -17.85
N PRO F 104 11.70 -31.22 -16.67
CA PRO F 104 11.23 -31.87 -15.45
C PRO F 104 9.80 -32.36 -15.55
N ASP F 105 9.56 -33.57 -15.02
CA ASP F 105 8.20 -33.98 -14.71
C ASP F 105 7.59 -33.01 -13.70
N VAL F 106 6.35 -32.58 -13.95
CA VAL F 106 5.61 -31.77 -13.00
C VAL F 106 4.58 -32.67 -12.33
N SER F 107 4.88 -33.06 -11.10
CA SER F 107 3.93 -33.76 -10.25
C SER F 107 2.92 -32.76 -9.70
N THR F 108 1.65 -33.17 -9.60
CA THR F 108 0.62 -32.26 -9.11
C THR F 108 0.01 -32.83 -7.86
N LEU F 109 -0.34 -31.96 -6.93
CA LEU F 109 -0.93 -32.36 -5.67
C LEU F 109 -2.10 -31.44 -5.39
N CYS F 110 -3.27 -32.03 -5.16
CA CYS F 110 -4.45 -31.28 -4.81
C CYS F 110 -4.49 -31.17 -3.29
N LEU F 111 -4.53 -29.94 -2.79
CA LEU F 111 -4.71 -29.69 -1.36
C LEU F 111 -5.84 -28.69 -1.20
N GLY F 112 -6.80 -29.03 -0.37
CA GLY F 112 -8.01 -28.23 -0.24
C GLY F 112 -8.89 -28.47 -1.45
N GLN F 113 -8.63 -27.79 -2.56
CA GLN F 113 -9.48 -28.09 -3.69
C GLN F 113 -8.76 -27.75 -5.00
N ALA F 114 -9.13 -28.48 -6.04
CA ALA F 114 -8.76 -28.12 -7.41
C ALA F 114 -10.03 -28.17 -8.21
N ALA F 115 -10.55 -27.00 -8.57
CA ALA F 115 -11.83 -26.86 -9.25
C ALA F 115 -11.60 -26.14 -10.57
N SER F 116 -12.37 -26.52 -11.58
CA SER F 116 -12.37 -25.76 -12.82
C SER F 116 -10.99 -25.86 -13.46
N MET F 117 -10.36 -24.73 -13.80
CA MET F 117 -9.01 -24.78 -14.37
C MET F 117 -7.99 -25.30 -13.37
N GLY F 118 -8.26 -25.19 -12.06
CA GLY F 118 -7.41 -25.88 -11.08
C GLY F 118 -7.45 -27.39 -11.27
N ALA F 119 -8.65 -27.94 -11.45
CA ALA F 119 -8.79 -29.37 -11.74
C ALA F 119 -8.16 -29.73 -13.07
N PHE F 120 -8.27 -28.86 -14.08
CA PHE F 120 -7.61 -29.14 -15.36
C PHE F 120 -6.10 -29.30 -15.15
N LEU F 121 -5.49 -28.35 -14.45
CA LEU F 121 -4.04 -28.39 -14.23
C LEU F 121 -3.63 -29.57 -13.35
N LEU F 122 -4.45 -29.91 -12.35
CA LEU F 122 -4.20 -31.11 -11.55
C LEU F 122 -4.09 -32.34 -12.45
N SER F 123 -5.01 -32.46 -13.40
CA SER F 123 -5.07 -33.65 -14.25
C SER F 123 -3.98 -33.66 -15.30
N ALA F 124 -3.25 -32.57 -15.48
CA ALA F 124 -2.21 -32.44 -16.47
C ALA F 124 -0.83 -32.81 -15.92
N GLY F 125 -0.73 -33.07 -14.62
CA GLY F 125 0.53 -33.50 -14.07
C GLY F 125 1.01 -34.77 -14.73
N GLU F 126 2.33 -34.97 -14.69
CA GLU F 126 2.93 -36.17 -15.23
C GLU F 126 2.17 -37.42 -14.79
N LYS F 127 1.75 -38.23 -15.76
CA LYS F 127 0.96 -39.42 -15.43
C LYS F 127 1.75 -40.34 -14.51
N GLY F 128 1.10 -40.78 -13.43
CA GLY F 128 1.75 -41.51 -12.38
C GLY F 128 2.16 -40.66 -11.20
N LYS F 129 2.19 -39.34 -11.37
CA LYS F 129 2.60 -38.41 -10.32
C LYS F 129 1.52 -37.37 -10.02
N ARG F 130 0.24 -37.72 -10.21
CA ARG F 130 -0.87 -36.83 -9.93
C ARG F 130 -1.53 -37.28 -8.65
N PHE F 131 -1.55 -36.41 -7.64
CA PHE F 131 -1.91 -36.80 -6.29
C PHE F 131 -2.97 -35.88 -5.72
N ALA F 132 -3.69 -36.40 -4.73
CA ALA F 132 -4.60 -35.59 -3.92
C ALA F 132 -4.46 -35.99 -2.46
N LEU F 133 -4.53 -35.00 -1.57
CA LEU F 133 -4.64 -35.30 -0.15
C LEU F 133 -6.05 -35.83 0.15
N PRO F 134 -6.21 -36.59 1.24
CA PRO F 134 -7.40 -37.44 1.35
C PRO F 134 -8.71 -36.68 1.50
N ASN F 135 -8.70 -35.45 2.04
CA ASN F 135 -9.94 -34.71 2.22
C ASN F 135 -10.04 -33.51 1.27
N SER F 136 -9.22 -33.48 0.24
CA SER F 136 -9.33 -32.48 -0.80
C SER F 136 -10.52 -32.82 -1.69
N ARG F 137 -10.91 -31.86 -2.52
CA ARG F 137 -11.98 -32.15 -3.47
C ARG F 137 -11.60 -31.59 -4.83
N ILE F 138 -12.20 -32.18 -5.85
CA ILE F 138 -11.98 -31.84 -7.25
C ILE F 138 -13.34 -31.44 -7.82
N MET F 139 -13.36 -30.49 -8.73
CA MET F 139 -14.62 -30.20 -9.42
C MET F 139 -14.32 -29.83 -10.86
N ILE F 140 -15.10 -30.38 -11.78
CA ILE F 140 -14.92 -30.10 -13.20
C ILE F 140 -16.25 -29.62 -13.77
N HIS F 141 -16.18 -28.69 -14.71
CA HIS F 141 -17.39 -28.19 -15.34
C HIS F 141 -17.02 -27.58 -16.68
N GLN F 142 -18.04 -27.32 -17.50
CA GLN F 142 -17.85 -26.68 -18.80
C GLN F 142 -17.56 -25.20 -18.59
N PRO F 143 -17.06 -24.52 -19.62
CA PRO F 143 -16.75 -23.08 -19.46
C PRO F 143 -17.99 -22.28 -19.09
N LEU F 144 -17.75 -21.21 -18.34
CA LEU F 144 -18.74 -20.37 -17.69
C LEU F 144 -18.24 -18.94 -17.78
N ILE F 145 -19.07 -18.04 -18.29
CA ILE F 145 -18.72 -16.62 -18.46
C ILE F 145 -19.40 -15.82 -17.37
N SER F 146 -18.65 -14.97 -16.68
CA SER F 146 -19.17 -14.27 -15.51
C SER F 146 -20.37 -13.39 -15.87
N GLY F 147 -20.23 -12.58 -16.91
CA GLY F 147 -21.33 -11.71 -17.30
C GLY F 147 -21.15 -11.10 -18.67
N GLY F 148 -20.21 -10.17 -18.81
CA GLY F 148 -20.00 -9.48 -20.07
C GLY F 148 -20.87 -8.24 -20.21
N GLY F 150 -21.95 -8.90 -24.84
CA GLY F 150 -22.19 -7.50 -25.20
C GLY F 150 -21.78 -7.11 -26.61
N GLY F 151 -22.74 -6.61 -27.39
CA GLY F 151 -22.42 -6.07 -28.68
C GLY F 151 -23.38 -6.55 -29.75
N GLN F 152 -22.96 -6.44 -31.00
CA GLN F 152 -23.84 -6.84 -32.08
C GLN F 152 -23.95 -8.36 -32.12
N ALA F 153 -24.99 -8.83 -32.79
CA ALA F 153 -25.19 -10.28 -32.94
C ALA F 153 -24.01 -10.94 -33.66
N SER F 154 -23.43 -10.28 -34.68
CA SER F 154 -22.23 -10.83 -35.32
C SER F 154 -21.12 -11.06 -34.32
N ASP F 155 -20.91 -10.11 -33.41
CA ASP F 155 -19.85 -10.22 -32.41
C ASP F 155 -20.17 -11.31 -31.40
N ILE F 156 -21.42 -11.36 -30.94
CA ILE F 156 -21.84 -12.39 -30.00
C ILE F 156 -21.71 -13.77 -30.64
N GLU F 157 -21.98 -13.88 -31.94
CA GLU F 157 -21.79 -15.15 -32.63
C GLU F 157 -20.31 -15.56 -32.64
N ILE F 158 -19.42 -14.61 -32.92
CA ILE F 158 -17.99 -14.90 -32.91
C ILE F 158 -17.54 -15.41 -31.53
N HIS F 159 -17.91 -14.71 -30.46
CA HIS F 159 -17.42 -15.11 -29.15
C HIS F 159 -18.11 -16.38 -28.63
N ALA F 160 -19.38 -16.60 -29.00
CA ALA F 160 -20.02 -17.84 -28.59
C ALA F 160 -19.36 -19.04 -29.28
N ARG F 161 -19.01 -18.88 -30.56
CA ARG F 161 -18.25 -19.91 -31.27
C ARG F 161 -16.88 -20.17 -30.63
N GLU F 162 -16.15 -19.10 -30.27
CA GLU F 162 -14.86 -19.30 -29.61
C GLU F 162 -15.04 -19.99 -28.26
N LEU F 163 -16.09 -19.63 -27.50
CA LEU F 163 -16.32 -20.30 -26.22
C LEU F 163 -16.61 -21.80 -26.42
N LEU F 164 -17.38 -22.13 -27.46
CA LEU F 164 -17.67 -23.53 -27.73
C LEU F 164 -16.44 -24.29 -28.23
N LYS F 165 -15.57 -23.64 -28.99
CA LYS F 165 -14.29 -24.25 -29.32
C LYS F 165 -13.49 -24.55 -28.07
N ILE F 166 -13.54 -23.64 -27.11
CA ILE F 166 -12.80 -23.84 -25.86
C ILE F 166 -13.42 -24.97 -25.06
N LYS F 167 -14.75 -25.04 -25.00
CA LYS F 167 -15.43 -26.12 -24.30
C LYS F 167 -15.04 -27.47 -24.88
N GLU F 168 -15.08 -27.59 -26.21
CA GLU F 168 -14.66 -28.84 -26.85
C GLU F 168 -13.20 -29.14 -26.56
N LYS F 169 -12.32 -28.16 -26.80
CA LYS F 169 -10.88 -28.36 -26.58
C LYS F 169 -10.59 -28.85 -25.16
N LEU F 170 -11.23 -28.26 -24.15
CA LEU F 170 -10.99 -28.69 -22.77
C LEU F 170 -11.51 -30.11 -22.54
N ASN F 171 -12.65 -30.45 -23.14
CA ASN F 171 -13.20 -31.79 -22.99
C ASN F 171 -12.27 -32.84 -23.62
N ARG F 172 -11.73 -32.56 -24.80
CA ARG F 172 -10.81 -33.50 -25.45
C ARG F 172 -9.54 -33.65 -24.63
N LEU F 173 -8.97 -32.52 -24.17
CA LEU F 173 -7.75 -32.57 -23.37
C LEU F 173 -7.95 -33.31 -22.06
N MET F 174 -9.10 -33.11 -21.43
CA MET F 174 -9.36 -33.81 -20.18
C MET F 174 -9.59 -35.29 -20.42
N ALA F 175 -10.29 -35.65 -21.48
CA ALA F 175 -10.46 -37.06 -21.85
C ALA F 175 -9.10 -37.73 -21.97
N LYS F 176 -8.17 -37.07 -22.65
CA LYS F 176 -6.84 -37.64 -22.78
C LYS F 176 -6.14 -37.74 -21.43
N HIS F 177 -6.29 -36.72 -20.58
CA HIS F 177 -5.66 -36.78 -19.26
C HIS F 177 -6.19 -37.94 -18.44
N CYS F 178 -7.50 -38.17 -18.52
CA CYS F 178 -8.19 -39.18 -17.74
C CYS F 178 -8.23 -40.55 -18.41
N ASP F 179 -7.72 -40.67 -19.64
CA ASP F 179 -7.81 -41.90 -20.42
C ASP F 179 -9.26 -42.38 -20.52
N ARG F 180 -10.12 -41.49 -20.97
CA ARG F 180 -11.55 -41.74 -21.10
C ARG F 180 -12.04 -41.28 -22.46
N ASP F 181 -13.23 -41.77 -22.82
CA ASP F 181 -13.89 -41.32 -24.03
C ASP F 181 -14.27 -39.86 -23.91
N LEU F 182 -14.10 -39.11 -25.00
CA LEU F 182 -14.59 -37.74 -25.09
C LEU F 182 -16.04 -37.62 -24.62
N ALA F 183 -16.89 -38.57 -25.04
CA ALA F 183 -18.30 -38.52 -24.68
C ALA F 183 -18.50 -38.52 -23.16
N ASP F 184 -17.62 -39.20 -22.42
CA ASP F 184 -17.68 -39.20 -20.96
C ASP F 184 -17.52 -37.79 -20.40
N LEU F 185 -16.48 -37.09 -20.85
CA LEU F 185 -16.19 -35.76 -20.35
C LEU F 185 -17.32 -34.77 -20.69
N GLU F 186 -17.87 -34.88 -21.90
CA GLU F 186 -19.00 -34.03 -22.28
C GLU F 186 -20.17 -34.22 -21.32
N ARG F 187 -20.54 -35.48 -21.07
CA ARG F 187 -21.62 -35.75 -20.14
C ARG F 187 -21.30 -35.22 -18.75
N ASP F 188 -20.09 -35.45 -18.27
CA ASP F 188 -19.74 -35.28 -16.88
C ASP F 188 -19.33 -33.86 -16.51
N THR F 189 -19.25 -32.96 -17.47
CA THR F 189 -18.96 -31.57 -17.18
C THR F 189 -20.12 -30.66 -17.55
N ASP F 190 -21.28 -31.22 -17.90
CA ASP F 190 -22.40 -30.37 -18.29
C ASP F 190 -22.75 -29.38 -17.18
N ARG F 191 -22.76 -29.83 -15.93
CA ARG F 191 -22.92 -28.99 -14.75
C ARG F 191 -21.81 -29.31 -13.75
N ASP F 192 -21.72 -28.48 -12.70
CA ASP F 192 -20.68 -28.67 -11.68
C ASP F 192 -20.67 -30.09 -11.13
N ASN F 193 -19.50 -30.72 -11.22
CA ASN F 193 -19.33 -32.14 -10.92
C ASN F 193 -18.29 -32.25 -9.81
N PHE F 194 -18.74 -32.33 -8.57
CA PHE F 194 -17.85 -32.45 -7.42
C PHE F 194 -17.43 -33.89 -7.20
N MET F 195 -16.14 -34.09 -6.94
CA MET F 195 -15.57 -35.42 -6.76
C MET F 195 -14.66 -35.42 -5.55
N SER F 196 -14.82 -36.43 -4.71
CA SER F 196 -13.86 -36.69 -3.66
C SER F 196 -12.55 -37.15 -4.29
N ALA F 197 -11.51 -37.27 -3.45
CA ALA F 197 -10.21 -37.75 -3.95
C ALA F 197 -10.34 -39.16 -4.53
N GLU F 198 -11.14 -40.03 -3.90
CA GLU F 198 -11.28 -41.38 -4.43
C GLU F 198 -12.11 -41.38 -5.71
N GLU F 199 -13.15 -40.56 -5.78
CA GLU F 199 -13.90 -40.45 -7.03
C GLU F 199 -13.00 -39.92 -8.16
N ALA F 200 -12.14 -38.93 -7.86
CA ALA F 200 -11.27 -38.38 -8.90
C ALA F 200 -10.22 -39.40 -9.33
N LYS F 201 -9.72 -40.19 -8.37
CA LYS F 201 -8.83 -41.31 -8.70
C LYS F 201 -9.52 -42.30 -9.63
N GLU F 202 -10.73 -42.76 -9.25
CA GLU F 202 -11.49 -43.65 -10.12
C GLU F 202 -11.69 -43.05 -11.50
N TYR F 203 -11.90 -41.73 -11.58
CA TYR F 203 -12.19 -41.09 -12.86
C TYR F 203 -11.00 -41.09 -13.80
N GLY F 204 -9.77 -41.17 -13.27
CA GLY F 204 -8.58 -40.97 -14.06
C GLY F 204 -7.99 -39.58 -14.04
N LEU F 205 -8.52 -38.68 -13.21
CA LEU F 205 -7.99 -37.33 -13.06
C LEU F 205 -6.69 -37.30 -12.24
N ILE F 206 -6.56 -38.20 -11.28
CA ILE F 206 -5.37 -38.32 -10.45
C ILE F 206 -4.99 -39.78 -10.40
N ASP F 207 -3.76 -40.03 -9.94
CA ASP F 207 -3.21 -41.37 -9.88
C ASP F 207 -3.28 -41.97 -8.49
N GLN F 208 -3.05 -41.19 -7.44
CA GLN F 208 -3.01 -41.74 -6.09
C GLN F 208 -3.46 -40.72 -5.05
N ILE F 209 -4.00 -41.25 -3.95
CA ILE F 209 -4.35 -40.45 -2.77
C ILE F 209 -3.25 -40.66 -1.74
N LEU F 210 -2.58 -39.58 -1.35
CA LEU F 210 -1.48 -39.63 -0.39
C LEU F 210 -1.96 -39.13 0.97
N GLU F 211 -2.02 -40.04 1.94
CA GLU F 211 -2.31 -39.63 3.31
C GLU F 211 -1.02 -39.21 4.01
N ASN F 212 0.10 -39.80 3.63
CA ASN F 212 1.43 -39.44 4.08
C ASN F 212 2.42 -40.01 3.05
N ARG F 213 3.71 -39.94 3.35
CA ARG F 213 4.70 -40.41 2.38
C ARG F 213 4.69 -41.93 2.23
N ALA F 214 4.27 -42.66 3.26
CA ALA F 214 4.21 -44.11 3.17
C ALA F 214 3.22 -44.57 2.09
N SER F 215 2.20 -43.76 1.80
CA SER F 215 1.33 -44.02 0.66
C SER F 215 2.17 -44.04 -0.62
N VAL G 22 5.67 -12.17 -5.34
CA VAL G 22 6.81 -12.54 -6.17
C VAL G 22 7.95 -13.09 -5.32
N PRO G 23 8.23 -14.39 -5.44
CA PRO G 23 9.31 -14.98 -4.65
C PRO G 23 10.63 -14.26 -4.91
N THR G 24 11.43 -14.13 -3.86
CA THR G 24 12.65 -13.34 -3.88
C THR G 24 13.86 -14.29 -3.87
N VAL G 25 14.02 -15.02 -4.97
CA VAL G 25 15.16 -15.93 -5.13
C VAL G 25 16.35 -15.23 -5.81
N PHE G 36 16.97 -9.73 -8.11
CA PHE G 36 17.07 -11.05 -7.52
C PHE G 36 15.70 -11.61 -7.09
N ASP G 37 14.61 -11.11 -7.69
CA ASP G 37 13.31 -11.75 -7.56
C ASP G 37 13.15 -12.73 -8.71
N ILE G 38 11.98 -13.36 -8.85
CA ILE G 38 11.84 -14.42 -9.84
C ILE G 38 11.99 -13.87 -11.26
N TYR G 39 11.38 -12.72 -11.54
CA TYR G 39 11.48 -12.11 -12.87
C TYR G 39 12.87 -11.53 -13.09
N SER G 40 13.47 -10.97 -12.03
CA SER G 40 14.84 -10.50 -12.13
C SER G 40 15.78 -11.66 -12.41
N ARG G 41 15.55 -12.79 -11.76
CA ARG G 41 16.36 -13.98 -12.03
C ARG G 41 16.21 -14.41 -13.50
N LEU G 42 14.99 -14.40 -14.02
CA LEU G 42 14.80 -14.85 -15.40
C LEU G 42 15.31 -13.82 -16.40
N LEU G 43 15.35 -12.54 -16.00
CA LEU G 43 15.97 -11.53 -16.84
C LEU G 43 17.44 -11.86 -17.11
N LYS G 44 18.09 -12.58 -16.20
CA LYS G 44 19.47 -13.00 -16.46
C LYS G 44 19.54 -14.04 -17.57
N GLU G 45 18.49 -14.84 -17.74
CA GLU G 45 18.37 -15.68 -18.92
C GLU G 45 17.92 -14.89 -20.15
N ARG G 46 17.80 -13.57 -20.07
CA ARG G 46 17.36 -12.69 -21.18
C ARG G 46 15.89 -12.92 -21.56
N ILE G 47 15.07 -13.29 -20.60
CA ILE G 47 13.63 -13.45 -20.79
C ILE G 47 12.93 -12.22 -20.22
N VAL G 48 12.04 -11.63 -21.03
CA VAL G 48 11.23 -10.47 -20.67
C VAL G 48 9.77 -10.87 -20.84
N PHE G 49 8.95 -10.60 -19.84
CA PHE G 49 7.52 -10.91 -19.90
C PHE G 49 6.68 -9.67 -20.15
N LEU G 50 5.63 -9.84 -20.94
CA LEU G 50 4.47 -8.95 -20.98
C LEU G 50 3.27 -9.76 -20.52
N VAL G 51 2.74 -9.43 -19.34
CA VAL G 51 1.59 -10.12 -18.75
C VAL G 51 0.47 -9.12 -18.56
N GLY G 52 -0.69 -9.39 -19.15
CA GLY G 52 -1.84 -8.54 -18.94
C GLY G 52 -1.89 -7.35 -19.87
N PRO G 53 -2.79 -6.43 -19.57
CA PRO G 53 -3.04 -5.29 -20.48
C PRO G 53 -1.80 -4.49 -20.76
N VAL G 54 -1.72 -4.00 -22.00
CA VAL G 54 -0.66 -3.10 -22.43
C VAL G 54 -1.07 -1.68 -22.04
N THR G 55 -0.39 -1.12 -21.06
CA THR G 55 -0.55 0.27 -20.65
C THR G 55 0.77 1.00 -20.83
N ASP G 56 0.74 2.33 -20.64
CA ASP G 56 1.97 3.10 -20.66
C ASP G 56 2.98 2.54 -19.65
N GLU G 57 2.49 2.19 -18.48
CA GLU G 57 3.35 1.73 -17.39
C GLU G 57 3.92 0.34 -17.68
N SER G 58 3.08 -0.62 -18.08
CA SER G 58 3.61 -1.96 -18.36
C SER G 58 4.47 -1.96 -19.64
N ALA G 59 4.11 -1.13 -20.63
CA ALA G 59 4.87 -1.09 -21.86
C ALA G 59 6.27 -0.52 -21.64
N ASN G 60 6.37 0.55 -20.85
CA ASN G 60 7.67 1.14 -20.62
C ASN G 60 8.56 0.25 -19.77
N LEU G 61 7.98 -0.55 -18.86
CA LEU G 61 8.79 -1.54 -18.14
C LEU G 61 9.38 -2.57 -19.10
N VAL G 62 8.63 -2.99 -20.12
CA VAL G 62 9.18 -3.88 -21.15
C VAL G 62 10.32 -3.18 -21.90
N VAL G 63 10.09 -1.93 -22.30
CA VAL G 63 11.11 -1.13 -23.00
C VAL G 63 12.39 -1.05 -22.17
N ALA G 64 12.24 -0.68 -20.89
CA ALA G 64 13.38 -0.58 -19.98
C ALA G 64 14.18 -1.89 -19.97
N GLN G 65 13.48 -3.02 -19.90
CA GLN G 65 14.18 -4.29 -19.86
C GLN G 65 14.87 -4.60 -21.18
N LEU G 66 14.22 -4.30 -22.30
CA LEU G 66 14.86 -4.49 -23.61
C LEU G 66 16.14 -3.68 -23.71
N LEU G 67 16.12 -2.42 -23.27
CA LEU G 67 17.32 -1.58 -23.31
C LEU G 67 18.40 -2.13 -22.37
N PHE G 68 18.01 -2.62 -21.21
CA PHE G 68 18.96 -3.18 -20.26
C PHE G 68 19.65 -4.41 -20.86
N LEU G 69 18.88 -5.32 -21.43
CA LEU G 69 19.49 -6.52 -22.00
C LEU G 69 20.37 -6.21 -23.19
N GLU G 70 20.01 -5.20 -24.01
CA GLU G 70 20.90 -4.76 -25.08
C GLU G 70 22.22 -4.21 -24.51
N SER G 71 22.12 -3.41 -23.45
CA SER G 71 23.30 -2.87 -22.80
C SER G 71 24.18 -3.98 -22.23
N GLU G 72 23.57 -4.97 -21.57
CA GLU G 72 24.33 -6.09 -21.02
C GLU G 72 25.05 -6.88 -22.11
N ASN G 73 24.37 -7.16 -23.22
CA ASN G 73 24.99 -7.84 -24.34
C ASN G 73 24.21 -7.58 -25.61
N PRO G 74 24.74 -6.77 -26.54
CA PRO G 74 23.97 -6.41 -27.74
C PRO G 74 23.92 -7.48 -28.81
N ASP G 75 24.66 -8.58 -28.66
CA ASP G 75 24.82 -9.58 -29.72
C ASP G 75 24.14 -10.91 -29.37
N LYS G 76 23.26 -10.91 -28.39
CA LYS G 76 22.54 -12.11 -27.96
C LYS G 76 21.05 -11.89 -28.10
N ASP G 77 20.33 -12.95 -28.48
CA ASP G 77 18.88 -12.85 -28.65
C ASP G 77 18.21 -12.53 -27.32
N ILE G 78 17.04 -11.90 -27.40
CA ILE G 78 16.16 -11.70 -26.26
C ILE G 78 14.91 -12.52 -26.50
N PHE G 79 14.34 -13.04 -25.42
CA PHE G 79 13.12 -13.85 -25.46
C PHE G 79 11.98 -13.11 -24.77
N PHE G 80 11.02 -12.69 -25.56
CA PHE G 80 9.93 -11.81 -25.14
C PHE G 80 8.68 -12.68 -25.05
N TYR G 81 8.29 -13.04 -23.82
CA TYR G 81 7.16 -13.93 -23.56
C TYR G 81 5.90 -13.08 -23.34
N ILE G 82 4.88 -13.30 -24.17
CA ILE G 82 3.68 -12.47 -24.18
C ILE G 82 2.47 -13.30 -23.76
N ASN G 83 1.75 -12.82 -22.74
CA ASN G 83 0.44 -13.33 -22.37
C ASN G 83 -0.40 -12.10 -22.08
N SER G 84 -1.13 -11.62 -23.10
CA SER G 84 -1.75 -10.32 -23.00
C SER G 84 -3.02 -10.24 -23.82
N PRO G 85 -4.07 -9.60 -23.29
CA PRO G 85 -5.28 -9.35 -24.08
C PRO G 85 -5.19 -8.13 -24.97
N GLY G 86 -4.08 -7.38 -24.94
CA GLY G 86 -4.01 -6.10 -25.64
C GLY G 86 -4.00 -4.93 -24.67
N GLY G 87 -4.29 -3.76 -25.21
CA GLY G 87 -4.19 -2.54 -24.42
C GLY G 87 -3.96 -1.35 -25.33
N SER G 88 -3.23 -0.37 -24.85
CA SER G 88 -3.04 0.87 -25.58
C SER G 88 -2.19 0.67 -26.84
N VAL G 89 -2.66 1.20 -27.98
CA VAL G 89 -1.89 1.20 -29.22
C VAL G 89 -0.57 1.93 -29.05
N THR G 90 -0.63 3.17 -28.58
CA THR G 90 0.60 3.97 -28.48
C THR G 90 1.59 3.33 -27.52
N ALA G 91 1.11 2.76 -26.41
CA ALA G 91 1.99 2.03 -25.49
C ALA G 91 2.57 0.79 -26.17
N GLY G 92 1.77 0.08 -26.97
CA GLY G 92 2.31 -1.05 -27.71
C GLY G 92 3.34 -0.65 -28.75
N MET G 93 3.14 0.51 -29.39
CA MET G 93 4.12 1.00 -30.35
C MET G 93 5.45 1.33 -29.68
N SER G 94 5.44 1.76 -28.41
CA SER G 94 6.73 2.01 -27.76
C SER G 94 7.55 0.73 -27.65
N ILE G 95 6.89 -0.39 -27.35
CA ILE G 95 7.59 -1.69 -27.34
C ILE G 95 8.03 -2.07 -28.75
N TYR G 96 7.09 -2.00 -29.70
CA TYR G 96 7.35 -2.35 -31.10
C TYR G 96 8.60 -1.66 -31.65
N ASP G 97 8.65 -0.32 -31.55
CA ASP G 97 9.78 0.40 -32.13
C ASP G 97 11.08 0.12 -31.36
N THR G 98 10.99 -0.13 -30.06
CA THR G 98 12.16 -0.53 -29.29
C THR G 98 12.68 -1.90 -29.76
N MET G 99 11.77 -2.87 -29.93
CA MET G 99 12.17 -4.18 -30.45
C MET G 99 12.95 -4.05 -31.74
N ASN G 100 12.49 -3.17 -32.64
CA ASN G 100 13.16 -3.00 -33.93
C ASN G 100 14.40 -2.14 -33.82
N PHE G 101 14.50 -1.27 -32.80
CA PHE G 101 15.63 -0.36 -32.71
C PHE G 101 16.87 -1.07 -32.19
N ILE G 102 16.75 -1.88 -31.14
CA ILE G 102 17.93 -2.46 -30.50
C ILE G 102 18.59 -3.50 -31.43
N LYS G 103 19.85 -3.82 -31.12
CA LYS G 103 20.60 -4.74 -31.97
C LYS G 103 20.22 -6.21 -31.78
N PRO G 104 20.01 -6.69 -30.55
CA PRO G 104 19.53 -8.07 -30.38
C PRO G 104 18.27 -8.38 -31.19
N ASP G 105 18.23 -9.58 -31.76
CA ASP G 105 16.97 -10.13 -32.25
C ASP G 105 16.02 -10.28 -31.07
N VAL G 106 14.77 -9.87 -31.23
CA VAL G 106 13.79 -10.11 -30.18
C VAL G 106 12.93 -11.27 -30.66
N SER G 107 13.18 -12.45 -30.08
CA SER G 107 12.33 -13.61 -30.32
C SER G 107 11.08 -13.49 -29.44
N THR G 108 9.91 -13.87 -29.97
CA THR G 108 8.66 -13.74 -29.24
C THR G 108 8.00 -15.10 -29.07
N LEU G 109 7.20 -15.22 -28.00
CA LEU G 109 6.55 -16.48 -27.63
C LEU G 109 5.17 -16.16 -27.09
N CYS G 110 4.15 -16.75 -27.68
CA CYS G 110 2.80 -16.63 -27.18
C CYS G 110 2.55 -17.72 -26.15
N LEU G 111 2.25 -17.34 -24.92
CA LEU G 111 1.79 -18.31 -23.93
C LEU G 111 0.47 -17.83 -23.35
N GLY G 112 -0.47 -18.74 -23.21
CA GLY G 112 -1.83 -18.32 -22.86
C GLY G 112 -2.50 -17.68 -24.05
N GLN G 113 -2.34 -16.36 -24.24
CA GLN G 113 -2.90 -15.74 -25.42
C GLN G 113 -2.08 -14.52 -25.79
N ALA G 114 -2.20 -14.10 -27.03
CA ALA G 114 -1.74 -12.79 -27.48
C ALA G 114 -2.89 -12.22 -28.31
N ALA G 115 -3.68 -11.34 -27.71
CA ALA G 115 -4.82 -10.74 -28.38
C ALA G 115 -4.54 -9.28 -28.69
N SER G 116 -5.00 -8.84 -29.85
CA SER G 116 -5.01 -7.40 -30.13
C SER G 116 -3.58 -6.88 -30.19
N MET G 117 -3.20 -5.83 -29.44
CA MET G 117 -1.80 -5.38 -29.47
C MET G 117 -0.84 -6.44 -28.97
N GLY G 118 -1.31 -7.40 -28.17
CA GLY G 118 -0.47 -8.55 -27.85
C GLY G 118 -0.10 -9.33 -29.10
N ALA G 119 -1.11 -9.56 -29.96
CA ALA G 119 -0.89 -10.25 -31.22
C ALA G 119 0.03 -9.44 -32.13
N PHE G 120 -0.14 -8.11 -32.16
CA PHE G 120 0.76 -7.26 -32.93
C PHE G 120 2.21 -7.47 -32.50
N LEU G 121 2.51 -7.32 -31.21
CA LEU G 121 3.88 -7.48 -30.73
C LEU G 121 4.40 -8.89 -30.98
N LEU G 122 3.56 -9.91 -30.80
CA LEU G 122 3.96 -11.29 -31.10
C LEU G 122 4.42 -11.42 -32.55
N SER G 123 3.61 -10.89 -33.49
CA SER G 123 3.96 -10.93 -34.90
C SER G 123 5.14 -10.05 -35.25
N ALA G 124 5.55 -9.16 -34.35
CA ALA G 124 6.65 -8.25 -34.62
C ALA G 124 8.00 -8.84 -34.25
N GLY G 125 8.03 -10.03 -33.63
CA GLY G 125 9.29 -10.64 -33.29
C GLY G 125 10.17 -10.88 -34.52
N GLU G 126 11.45 -11.11 -34.27
CA GLU G 126 12.39 -11.33 -35.36
C GLU G 126 11.91 -12.49 -36.23
N LYS G 127 11.81 -12.24 -37.54
CA LYS G 127 11.26 -13.25 -38.44
C LYS G 127 12.09 -14.53 -38.39
N GLY G 128 11.42 -15.66 -38.20
CA GLY G 128 12.03 -16.94 -37.92
C GLY G 128 12.18 -17.27 -36.46
N LYS G 129 11.90 -16.31 -35.58
CA LYS G 129 12.01 -16.53 -34.14
C LYS G 129 10.72 -16.14 -33.43
N ARG G 130 9.58 -16.29 -34.11
CA ARG G 130 8.27 -16.02 -33.53
C ARG G 130 7.58 -17.35 -33.25
N PHE G 131 7.25 -17.61 -31.99
CA PHE G 131 6.82 -18.93 -31.55
C PHE G 131 5.51 -18.85 -30.77
N ALA G 132 4.86 -20.01 -30.63
CA ALA G 132 3.70 -20.10 -29.78
C ALA G 132 3.64 -21.49 -29.18
N LEU G 133 3.17 -21.57 -27.93
CA LEU G 133 2.90 -22.85 -27.32
C LEU G 133 1.63 -23.46 -27.91
N PRO G 134 1.47 -24.78 -27.81
CA PRO G 134 0.45 -25.46 -28.64
C PRO G 134 -0.99 -25.06 -28.35
N ASN G 135 -1.34 -24.74 -27.10
CA ASN G 135 -2.72 -24.40 -26.78
C ASN G 135 -2.90 -22.92 -26.47
N SER G 136 -1.95 -22.10 -26.91
CA SER G 136 -2.15 -20.66 -26.86
C SER G 136 -3.09 -20.22 -27.99
N ARG G 137 -3.60 -19.00 -27.88
CA ARG G 137 -4.47 -18.50 -28.90
C ARG G 137 -4.07 -17.08 -29.23
N ILE G 138 -4.39 -16.69 -30.45
CA ILE G 138 -4.05 -15.37 -30.97
C ILE G 138 -5.36 -14.73 -31.38
N MET G 139 -5.48 -13.41 -31.21
CA MET G 139 -6.67 -12.76 -31.71
C MET G 139 -6.28 -11.43 -32.29
N ILE G 140 -6.84 -11.09 -33.46
CA ILE G 140 -6.58 -9.82 -34.11
C ILE G 140 -7.92 -9.16 -34.38
N HIS G 141 -7.94 -7.82 -34.33
CA HIS G 141 -9.15 -7.06 -34.62
C HIS G 141 -8.76 -5.60 -34.85
N GLN G 142 -9.71 -4.83 -35.41
CA GLN G 142 -9.49 -3.42 -35.70
C GLN G 142 -9.58 -2.61 -34.41
N PRO G 143 -9.13 -1.36 -34.42
CA PRO G 143 -9.19 -0.56 -33.19
C PRO G 143 -10.62 -0.44 -32.66
N LEU G 144 -10.71 -0.30 -31.34
CA LEU G 144 -11.96 -0.22 -30.62
C LEU G 144 -11.73 0.73 -29.46
N ILE G 145 -12.76 1.52 -29.15
CA ILE G 145 -12.73 2.59 -28.16
C ILE G 145 -13.88 2.35 -27.19
N SER G 146 -13.61 2.45 -25.90
CA SER G 146 -14.63 2.18 -24.90
C SER G 146 -15.29 3.46 -24.36
N GLY G 151 -17.23 15.68 -27.49
CA GLY G 151 -16.75 16.97 -27.93
C GLY G 151 -17.60 17.58 -29.03
N GLN G 152 -17.12 18.65 -29.65
CA GLN G 152 -17.81 19.22 -30.80
C GLN G 152 -17.64 18.30 -32.01
N ALA G 153 -18.50 18.50 -33.01
CA ALA G 153 -18.38 17.71 -34.24
C ALA G 153 -17.00 17.85 -34.88
N SER G 154 -16.43 19.06 -34.84
CA SER G 154 -15.08 19.26 -35.35
C SER G 154 -14.06 18.35 -34.67
N ASP G 155 -14.15 18.23 -33.34
CA ASP G 155 -13.21 17.40 -32.59
C ASP G 155 -13.48 15.91 -32.79
N ILE G 156 -14.75 15.56 -32.98
CA ILE G 156 -15.10 14.18 -33.26
C ILE G 156 -14.54 13.76 -34.60
N GLU G 157 -14.64 14.63 -35.60
CA GLU G 157 -14.08 14.38 -36.91
C GLU G 157 -12.57 14.15 -36.82
N ILE G 158 -11.87 15.03 -36.11
CA ILE G 158 -10.42 14.90 -35.96
C ILE G 158 -10.06 13.57 -35.32
N HIS G 159 -10.77 13.18 -34.26
CA HIS G 159 -10.44 11.94 -33.56
C HIS G 159 -10.87 10.70 -34.32
N ALA G 160 -11.99 10.74 -35.05
CA ALA G 160 -12.36 9.61 -35.89
C ALA G 160 -11.35 9.43 -37.01
N ARG G 161 -10.94 10.53 -37.64
CA ARG G 161 -9.93 10.43 -38.69
C ARG G 161 -8.66 9.80 -38.14
N GLU G 162 -8.24 10.21 -36.94
CA GLU G 162 -7.01 9.66 -36.36
C GLU G 162 -7.17 8.16 -36.05
N LEU G 163 -8.33 7.77 -35.52
CA LEU G 163 -8.57 6.35 -35.28
C LEU G 163 -8.53 5.54 -36.57
N LEU G 164 -9.06 6.08 -37.67
CA LEU G 164 -8.98 5.39 -38.97
C LEU G 164 -7.55 5.33 -39.51
N LYS G 165 -6.74 6.36 -39.27
CA LYS G 165 -5.32 6.30 -39.62
C LYS G 165 -4.62 5.18 -38.85
N ILE G 166 -4.92 5.09 -37.55
CA ILE G 166 -4.36 4.03 -36.71
C ILE G 166 -4.77 2.66 -37.25
N LYS G 167 -6.07 2.49 -37.58
CA LYS G 167 -6.55 1.23 -38.13
C LYS G 167 -5.78 0.85 -39.38
N GLU G 168 -5.62 1.79 -40.31
CA GLU G 168 -4.90 1.53 -41.54
C GLU G 168 -3.43 1.20 -41.28
N LYS G 169 -2.76 2.00 -40.43
CA LYS G 169 -1.36 1.74 -40.12
C LYS G 169 -1.16 0.35 -39.53
N LEU G 170 -2.00 -0.02 -38.57
CA LEU G 170 -1.88 -1.35 -37.97
C LEU G 170 -2.10 -2.45 -39.01
N ASN G 171 -3.08 -2.27 -39.90
CA ASN G 171 -3.32 -3.30 -40.91
C ASN G 171 -2.11 -3.45 -41.82
N ARG G 172 -1.50 -2.32 -42.22
CA ARG G 172 -0.34 -2.35 -43.11
C ARG G 172 0.87 -2.98 -42.42
N LEU G 173 1.15 -2.56 -41.18
CA LEU G 173 2.26 -3.16 -40.45
C LEU G 173 2.04 -4.64 -40.25
N MET G 174 0.81 -5.05 -39.93
CA MET G 174 0.51 -6.48 -39.77
C MET G 174 0.67 -7.25 -41.07
N ALA G 175 0.21 -6.67 -42.20
CA ALA G 175 0.40 -7.33 -43.49
C ALA G 175 1.88 -7.55 -43.79
N LYS G 176 2.71 -6.56 -43.45
CA LYS G 176 4.16 -6.73 -43.57
C LYS G 176 4.68 -7.90 -42.71
N HIS G 177 4.31 -7.92 -41.42
CA HIS G 177 4.75 -8.98 -40.51
C HIS G 177 4.36 -10.36 -41.00
N CYS G 178 3.16 -10.49 -41.56
CA CYS G 178 2.58 -11.75 -41.97
C CYS G 178 2.87 -12.08 -43.42
N ASP G 179 3.54 -11.17 -44.13
CA ASP G 179 3.83 -11.32 -45.55
C ASP G 179 2.55 -11.59 -46.32
N ARG G 180 1.56 -10.71 -46.13
CA ARG G 180 0.25 -10.80 -46.76
C ARG G 180 -0.10 -9.50 -47.42
N ASP G 181 -1.05 -9.60 -48.37
CA ASP G 181 -1.69 -8.42 -48.92
C ASP G 181 -2.36 -7.61 -47.82
N LEU G 182 -2.30 -6.30 -47.96
CA LEU G 182 -3.08 -5.41 -47.09
C LEU G 182 -4.56 -5.79 -47.07
N ALA G 183 -5.09 -6.17 -48.24
CA ALA G 183 -6.52 -6.50 -48.33
C ALA G 183 -6.88 -7.65 -47.41
N ASP G 184 -5.99 -8.64 -47.28
CA ASP G 184 -6.25 -9.74 -46.35
C ASP G 184 -6.48 -9.22 -44.94
N LEU G 185 -5.55 -8.41 -44.44
CA LEU G 185 -5.65 -7.90 -43.07
C LEU G 185 -6.91 -7.06 -42.87
N GLU G 186 -7.24 -6.21 -43.85
CA GLU G 186 -8.48 -5.43 -43.77
C GLU G 186 -9.69 -6.34 -43.59
N ARG G 187 -9.78 -7.40 -44.38
CA ARG G 187 -10.86 -8.36 -44.21
C ARG G 187 -10.78 -9.05 -42.86
N ASP G 188 -9.60 -9.41 -42.43
CA ASP G 188 -9.47 -10.35 -41.33
C ASP G 188 -9.44 -9.70 -39.97
N THR G 189 -9.47 -8.36 -39.89
CA THR G 189 -9.57 -7.68 -38.60
C THR G 189 -10.89 -6.95 -38.43
N ASP G 190 -11.88 -7.17 -39.31
CA ASP G 190 -13.10 -6.36 -39.26
C ASP G 190 -13.85 -6.60 -37.94
N ARG G 191 -13.89 -7.84 -37.47
CA ARG G 191 -14.37 -8.24 -36.16
C ARG G 191 -13.35 -9.18 -35.54
N ASP G 192 -13.58 -9.56 -34.30
CA ASP G 192 -12.59 -10.32 -33.53
C ASP G 192 -12.28 -11.63 -34.23
N ASN G 193 -10.99 -11.87 -34.52
CA ASN G 193 -10.54 -13.01 -35.31
C ASN G 193 -9.66 -13.89 -34.42
N PHE G 194 -10.26 -14.92 -33.82
CA PHE G 194 -9.54 -15.85 -32.97
C PHE G 194 -8.87 -16.93 -33.82
N MET G 195 -7.59 -17.21 -33.54
CA MET G 195 -6.83 -18.24 -34.23
C MET G 195 -6.10 -19.14 -33.24
N SER G 196 -6.05 -20.43 -33.56
CA SER G 196 -5.18 -21.38 -32.88
C SER G 196 -3.72 -21.10 -33.25
N ALA G 197 -2.80 -21.74 -32.53
CA ALA G 197 -1.39 -21.56 -32.88
C ALA G 197 -1.13 -21.94 -34.34
N GLU G 198 -1.74 -23.05 -34.79
CA GLU G 198 -1.54 -23.48 -36.18
C GLU G 198 -2.14 -22.49 -37.17
N GLU G 199 -3.33 -21.96 -36.87
CA GLU G 199 -3.91 -20.94 -37.73
C GLU G 199 -3.04 -19.69 -37.77
N ALA G 200 -2.47 -19.27 -36.62
CA ALA G 200 -1.60 -18.10 -36.64
C ALA G 200 -0.31 -18.36 -37.42
N LYS G 201 0.17 -19.60 -37.41
CA LYS G 201 1.37 -19.92 -38.17
C LYS G 201 1.10 -19.92 -39.67
N GLU G 202 -0.03 -20.51 -40.08
CA GLU G 202 -0.42 -20.49 -41.48
C GLU G 202 -0.78 -19.08 -41.94
N TYR G 203 -1.28 -18.23 -41.04
CA TYR G 203 -1.53 -16.84 -41.40
C TYR G 203 -0.23 -16.08 -41.66
N GLY G 204 0.87 -16.53 -41.08
CA GLY G 204 2.14 -15.84 -41.18
C GLY G 204 2.47 -14.98 -39.98
N LEU G 205 1.67 -15.10 -38.91
CA LEU G 205 1.81 -14.31 -37.69
C LEU G 205 2.91 -14.84 -36.76
N ILE G 206 3.13 -16.16 -36.76
CA ILE G 206 4.24 -16.78 -36.06
C ILE G 206 4.95 -17.70 -37.04
N ASP G 207 6.12 -18.19 -36.62
CA ASP G 207 6.94 -19.07 -37.45
C ASP G 207 6.86 -20.53 -37.06
N GLN G 208 6.87 -20.87 -35.77
CA GLN G 208 6.82 -22.26 -35.35
C GLN G 208 5.97 -22.40 -34.09
N ILE G 209 5.41 -23.60 -33.91
CA ILE G 209 4.75 -24.01 -32.67
C ILE G 209 5.68 -24.97 -31.95
N LEU G 210 5.93 -24.70 -30.68
CA LEU G 210 6.89 -25.49 -29.89
C LEU G 210 6.15 -26.21 -28.77
N GLU G 211 6.09 -27.53 -28.86
CA GLU G 211 5.57 -28.33 -27.75
C GLU G 211 6.62 -28.52 -26.66
N ASN G 212 7.89 -28.63 -27.06
CA ASN G 212 9.05 -28.66 -26.16
C ASN G 212 10.25 -28.19 -26.98
N ARG G 213 11.45 -28.24 -26.38
CA ARG G 213 12.63 -27.75 -27.09
C ARG G 213 12.92 -28.57 -28.33
N ALA G 214 12.63 -29.88 -28.29
CA ALA G 214 12.88 -30.73 -29.45
C ALA G 214 12.02 -30.33 -30.64
N SER G 215 10.98 -29.52 -30.42
CA SER G 215 10.11 -29.08 -31.53
C SER G 215 10.86 -28.18 -32.51
N LEU G 216 11.88 -27.45 -32.06
CA LEU G 216 12.47 -26.41 -32.90
C LEU G 216 13.10 -27.01 -34.15
N ARG G 217 12.79 -26.34 -35.24
CA ARG G 217 13.22 -26.71 -36.56
C ARG G 217 13.97 -25.66 -37.29
N LEU G 218 14.12 -25.87 -38.60
CA LEU G 218 15.01 -25.03 -39.39
C LEU G 218 16.44 -25.22 -38.90
#